data_7MQJ
#
_entry.id   7MQJ
#
_cell.length_a   41.770
_cell.length_b   130.940
_cell.length_c   86.080
_cell.angle_alpha   90.000
_cell.angle_beta   106.480
_cell.angle_gamma   90.000
#
_symmetry.space_group_name_H-M   'P 1 21 1'
#
loop_
_entity.id
_entity.type
_entity.pdbx_description
1 polymer 'Probable ATP-dependent RNA helicase DHR1'
2 non-polymer 'MAGNESIUM ION'
3 non-polymer "ADENOSINE-5'-DIPHOSPHATE"
4 water water
#
_entity_poly.entity_id   1
_entity_poly.type   'polypeptide(L)'
_entity_poly.pdbx_seq_one_letter_code
;DLSRSDEIQKARIQLPVFGEEHKIMEAIHHNDVVIICGETGSGKTTQVPQFLYEAGFGAEDSPDYPGMVGITQPRRVAAV
SMAERVANELGDHGHKVGYQIRFDSTAKEDTKVKFMTDGVLLREMMHDFKLTKYSSIIIDEAHERNINTDILIGMLSRCV
RLRAKLHKENPIEHKKLKLIIMSATLRVSDFSENKTLFPIAPPVLQVDARQFPVSIHFNRRTAFNYTDEAFRKTCKIHQK
LPPGAILVFLTGQQEITHMVKRLRKEFPFKKNSKYNKDLETPVSKMGINSKTTDLEAEDIDFSVQVIDQDKFKSAIRYEE
DEGNSGNGEDEEDEEEEGFEEVLTEGQTANDPLYVLPLYSLLPTKEQMRVFQKPPQGSRLCIVATNVAETSLTIPGVRYV
VDSGRSKERKYNESNGVQSFEVGWVSKASANQRSGRAGRTGPGHCYRLYSSAVFEHDFEQFSKPEILRMPVESIVLQMKS
MAIHNIINFPFPTPPDRVALSKAIQLLQYLGALDNKEMITEDGKKMSLFPLSPRFSKMLLVSDEKACLPYIVAIVSALSV
GDPFINEFELGINEISRKPNPDENLDDKIREHDESTPGMDPELKKELRSKFYKSRSQFSKLDKFSDVFRLLSVVSAMDYV
PKEQKEIFMKKNFLRGKLMEEIVKLRKQLMYIIKSNTSKENIAVVIRNEDLKSDIPSVIQIKLLKQMICAGFVDHVAVRA
DVLFPDDAKITNRTSIINIPYIPVLATRTPNIEDCFVYIHPTSILNNLGEMPPKYMLYYSLHLGGNNKTRMNTLCDIA
;
_entity_poly.pdbx_strand_id   A
#
# COMPACT_ATOMS: atom_id res chain seq x y z
N ASP A 1 24.43 -29.56 24.67
CA ASP A 1 24.39 -29.99 23.28
C ASP A 1 23.05 -29.64 22.62
N LEU A 2 23.06 -29.51 21.30
CA LEU A 2 21.86 -29.27 20.50
C LEU A 2 21.59 -30.47 19.61
N SER A 3 20.35 -30.93 19.58
CA SER A 3 19.99 -32.15 18.86
C SER A 3 18.75 -31.92 18.01
N ARG A 4 18.92 -31.99 16.69
CA ARG A 4 17.83 -31.92 15.74
C ARG A 4 17.42 -33.31 15.28
N SER A 5 16.20 -33.42 14.74
CA SER A 5 15.75 -34.70 14.20
C SER A 5 16.44 -35.00 12.87
N ASP A 6 16.43 -36.28 12.50
CA ASP A 6 17.06 -36.73 11.26
C ASP A 6 16.44 -36.02 10.05
N GLU A 7 15.11 -35.99 10.01
CA GLU A 7 14.40 -35.23 8.98
C GLU A 7 14.96 -33.82 8.84
N ILE A 8 15.08 -33.12 9.97
CA ILE A 8 15.52 -31.73 9.96
C ILE A 8 16.93 -31.61 9.41
N GLN A 9 17.89 -32.28 10.04
CA GLN A 9 19.27 -32.06 9.65
C GLN A 9 19.53 -32.52 8.22
N LYS A 10 18.73 -33.45 7.70
CA LYS A 10 18.93 -33.85 6.32
C LYS A 10 18.29 -32.86 5.35
N ALA A 11 17.18 -32.23 5.74
CA ALA A 11 16.64 -31.15 4.93
C ALA A 11 17.62 -29.98 4.86
N ARG A 12 18.28 -29.66 5.98
CA ARG A 12 19.15 -28.47 6.03
C ARG A 12 20.30 -28.57 5.04
N ILE A 13 20.88 -29.76 4.87
CA ILE A 13 22.09 -29.84 4.07
C ILE A 13 21.79 -29.62 2.58
N GLN A 14 20.53 -29.78 2.17
CA GLN A 14 20.20 -29.49 0.77
C GLN A 14 20.20 -27.99 0.45
N LEU A 15 20.05 -27.12 1.46
CA LEU A 15 19.85 -25.69 1.20
C LEU A 15 21.16 -25.01 0.79
N PRO A 16 21.15 -24.21 -0.28
CA PRO A 16 22.41 -23.59 -0.73
C PRO A 16 23.07 -22.64 0.28
N VAL A 17 22.32 -22.01 1.19
CA VAL A 17 22.98 -21.17 2.19
C VAL A 17 23.76 -22.02 3.21
N PHE A 18 23.22 -23.21 3.55
CA PHE A 18 23.91 -24.13 4.45
C PHE A 18 25.33 -24.40 3.99
N GLY A 19 25.51 -24.57 2.68
CA GLY A 19 26.84 -24.83 2.14
C GLY A 19 27.78 -23.65 2.22
N GLU A 20 27.26 -22.43 2.29
CA GLU A 20 28.11 -21.24 2.35
C GLU A 20 28.28 -20.69 3.77
N GLU A 21 27.77 -21.41 4.77
CA GLU A 21 28.05 -21.09 6.18
C GLU A 21 29.48 -20.58 6.45
N HIS A 22 30.48 -21.18 5.82
CA HIS A 22 31.86 -20.80 6.07
C HIS A 22 32.13 -19.36 5.64
N LYS A 23 31.86 -19.04 4.37
CA LYS A 23 32.05 -17.68 3.89
C LYS A 23 31.18 -16.69 4.68
N ILE A 24 29.97 -17.10 5.03
CA ILE A 24 29.06 -16.17 5.70
C ILE A 24 29.59 -15.80 7.08
N MET A 25 29.94 -16.83 7.88
CA MET A 25 30.41 -16.57 9.23
C MET A 25 31.76 -15.86 9.21
N GLU A 26 32.62 -16.17 8.24
CA GLU A 26 33.89 -15.47 8.16
C GLU A 26 33.68 -13.98 7.93
N ALA A 27 32.82 -13.64 6.96
CA ALA A 27 32.49 -12.23 6.74
C ALA A 27 31.91 -11.60 7.99
N ILE A 28 31.03 -12.31 8.69
CA ILE A 28 30.39 -11.74 9.86
C ILE A 28 31.38 -11.52 11.02
N HIS A 29 32.39 -12.38 11.13
CA HIS A 29 33.39 -12.15 12.17
C HIS A 29 34.27 -10.97 11.82
N HIS A 30 34.56 -10.76 10.52
N HIS A 30 34.37 -10.66 10.57
CA HIS A 30 35.48 -9.70 10.10
CA HIS A 30 35.37 -9.73 10.13
C HIS A 30 34.80 -8.35 9.86
C HIS A 30 34.81 -8.38 9.76
N ASN A 31 33.47 -8.28 9.74
CA ASN A 31 32.76 -7.07 9.37
C ASN A 31 31.52 -6.86 10.22
N ASP A 32 31.26 -5.62 10.58
CA ASP A 32 30.07 -5.32 11.37
C ASP A 32 28.82 -5.34 10.52
N VAL A 33 28.92 -5.03 9.23
CA VAL A 33 27.79 -5.05 8.31
C VAL A 33 28.07 -6.04 7.19
N VAL A 34 27.11 -6.93 6.92
CA VAL A 34 27.24 -7.92 5.86
C VAL A 34 25.93 -7.98 5.09
N ILE A 35 26.02 -8.00 3.77
CA ILE A 35 24.86 -8.15 2.91
C ILE A 35 24.91 -9.55 2.31
N ILE A 36 23.80 -10.28 2.39
CA ILE A 36 23.70 -11.62 1.84
C ILE A 36 22.59 -11.64 0.79
N CYS A 37 22.91 -12.04 -0.43
CA CYS A 37 21.93 -12.13 -1.51
C CYS A 37 21.78 -13.59 -1.91
N GLY A 38 20.53 -14.05 -1.96
CA GLY A 38 20.25 -15.37 -2.47
C GLY A 38 18.78 -15.53 -2.77
N GLU A 39 18.46 -16.26 -3.84
CA GLU A 39 17.08 -16.42 -4.27
C GLU A 39 16.23 -17.02 -3.15
N THR A 40 14.92 -16.88 -3.32
CA THR A 40 13.96 -17.50 -2.42
C THR A 40 14.12 -19.01 -2.42
N GLY A 41 14.07 -19.60 -1.23
CA GLY A 41 14.34 -21.02 -1.04
C GLY A 41 15.79 -21.36 -0.80
N SER A 42 16.66 -20.35 -0.84
CA SER A 42 18.08 -20.58 -0.56
C SER A 42 18.32 -21.01 0.89
N GLY A 43 17.47 -20.58 1.82
CA GLY A 43 17.72 -20.82 3.23
C GLY A 43 18.22 -19.65 4.04
N LYS A 44 18.02 -18.41 3.55
CA LYS A 44 18.52 -17.22 4.24
C LYS A 44 17.91 -17.09 5.63
N THR A 45 16.57 -17.05 5.66
CA THR A 45 15.85 -16.72 6.89
C THR A 45 15.97 -17.83 7.93
N THR A 46 15.97 -19.08 7.48
CA THR A 46 15.98 -20.18 8.41
C THR A 46 17.38 -20.48 8.92
N GLN A 47 18.39 -20.35 8.06
CA GLN A 47 19.72 -20.83 8.42
C GLN A 47 20.66 -19.78 9.00
N VAL A 48 20.58 -18.50 8.56
CA VAL A 48 21.54 -17.52 9.11
C VAL A 48 21.36 -17.32 10.59
N PRO A 49 20.14 -17.19 11.15
CA PRO A 49 20.01 -17.10 12.61
C PRO A 49 20.58 -18.32 13.30
N GLN A 50 20.37 -19.50 12.71
CA GLN A 50 20.97 -20.71 13.27
C GLN A 50 22.48 -20.64 13.26
N PHE A 51 23.07 -20.11 12.19
CA PHE A 51 24.52 -19.91 12.18
C PHE A 51 24.96 -19.08 13.38
N LEU A 52 24.27 -17.96 13.61
CA LEU A 52 24.68 -17.11 14.72
C LEU A 52 24.48 -17.83 16.06
N TYR A 53 23.31 -18.44 16.26
CA TYR A 53 23.02 -19.13 17.51
C TYR A 53 24.07 -20.19 17.82
N GLU A 54 24.43 -21.01 16.82
CA GLU A 54 25.45 -22.03 17.06
C GLU A 54 26.81 -21.41 17.35
N ALA A 55 27.08 -20.25 16.77
CA ALA A 55 28.34 -19.58 17.04
C ALA A 55 28.40 -18.92 18.41
N GLY A 56 27.35 -19.06 19.23
CA GLY A 56 27.34 -18.48 20.56
C GLY A 56 26.61 -17.16 20.69
N PHE A 57 26.01 -16.66 19.61
CA PHE A 57 25.25 -15.41 19.70
C PHE A 57 24.06 -15.60 20.62
N GLY A 58 24.00 -14.80 21.68
CA GLY A 58 22.95 -14.98 22.66
C GLY A 58 23.22 -16.03 23.72
N ALA A 59 24.37 -16.71 23.68
CA ALA A 59 24.69 -17.67 24.73
C ALA A 59 24.84 -16.98 26.08
N GLU A 60 24.34 -17.64 27.13
CA GLU A 60 23.98 -16.89 28.33
C GLU A 60 25.17 -16.27 29.03
N ASP A 61 26.37 -16.74 28.77
CA ASP A 61 27.53 -16.05 29.29
C ASP A 61 28.56 -15.79 28.18
N SER A 62 28.09 -15.49 26.98
CA SER A 62 29.02 -15.09 25.92
C SER A 62 29.76 -13.83 26.34
N PRO A 63 31.08 -13.79 26.12
CA PRO A 63 31.83 -12.56 26.48
C PRO A 63 31.69 -11.47 25.45
N ASP A 64 31.29 -11.80 24.21
N ASP A 64 31.28 -11.78 24.22
CA ASP A 64 31.22 -10.83 23.14
CA ASP A 64 31.21 -10.79 23.16
C ASP A 64 29.86 -10.69 22.49
C ASP A 64 29.85 -10.68 22.51
N TYR A 65 29.01 -11.72 22.54
CA TYR A 65 27.72 -11.71 21.85
C TYR A 65 26.58 -12.19 22.74
N PRO A 66 26.42 -11.62 23.93
CA PRO A 66 25.35 -12.09 24.83
C PRO A 66 23.96 -11.62 24.44
N GLY A 67 23.85 -10.57 23.63
CA GLY A 67 22.53 -10.11 23.22
C GLY A 67 21.81 -11.10 22.31
N MET A 68 20.50 -10.91 22.24
CA MET A 68 19.67 -11.70 21.36
C MET A 68 20.11 -11.52 19.90
N VAL A 69 19.66 -12.45 19.07
CA VAL A 69 19.69 -12.32 17.63
C VAL A 69 18.29 -11.90 17.20
N GLY A 70 18.16 -10.68 16.67
CA GLY A 70 16.89 -10.19 16.16
C GLY A 70 16.86 -10.33 14.66
N ILE A 71 15.71 -10.73 14.12
CA ILE A 71 15.55 -10.82 12.67
C ILE A 71 14.21 -10.21 12.30
N THR A 72 14.24 -9.20 11.45
CA THR A 72 13.03 -8.49 11.06
C THR A 72 12.55 -8.98 9.70
N GLN A 73 11.23 -8.96 9.53
CA GLN A 73 10.54 -9.20 8.27
C GLN A 73 9.64 -8.01 7.98
N PRO A 74 9.48 -7.62 6.71
CA PRO A 74 8.43 -6.66 6.40
C PRO A 74 7.04 -7.30 6.43
N ARG A 75 6.96 -8.63 6.52
CA ARG A 75 5.67 -9.32 6.46
C ARG A 75 5.47 -10.13 7.72
N ARG A 76 4.36 -9.88 8.42
CA ARG A 76 4.17 -10.56 9.70
C ARG A 76 3.89 -12.05 9.52
N VAL A 77 3.24 -12.45 8.41
CA VAL A 77 3.11 -13.88 8.11
C VAL A 77 4.48 -14.55 8.09
N ALA A 78 5.44 -13.94 7.41
CA ALA A 78 6.78 -14.52 7.37
C ALA A 78 7.41 -14.54 8.75
N ALA A 79 7.30 -13.42 9.49
CA ALA A 79 7.86 -13.36 10.84
C ALA A 79 7.41 -14.58 11.66
N VAL A 80 6.11 -14.84 11.70
CA VAL A 80 5.56 -15.91 12.54
C VAL A 80 5.89 -17.30 11.98
N SER A 81 5.72 -17.49 10.67
CA SER A 81 5.95 -18.81 10.10
C SER A 81 7.42 -19.22 10.20
N MET A 82 8.31 -18.28 9.88
CA MET A 82 9.72 -18.60 9.88
C MET A 82 10.26 -18.73 11.31
N ALA A 83 9.64 -18.02 12.28
CA ALA A 83 9.95 -18.32 13.68
C ALA A 83 9.58 -19.76 14.03
N GLU A 84 8.38 -20.21 13.62
CA GLU A 84 8.00 -21.57 13.98
C GLU A 84 8.92 -22.59 13.34
N ARG A 85 9.31 -22.34 12.09
CA ARG A 85 10.21 -23.26 11.39
C ARG A 85 11.57 -23.30 12.08
N VAL A 86 12.12 -22.14 12.45
CA VAL A 86 13.45 -22.15 13.05
C VAL A 86 13.42 -22.81 14.43
N ALA A 87 12.37 -22.54 15.23
CA ALA A 87 12.19 -23.27 16.48
C ALA A 87 12.19 -24.77 16.26
N ASN A 88 11.46 -25.23 15.23
N ASN A 88 11.48 -25.23 15.23
CA ASN A 88 11.46 -26.66 14.91
CA ASN A 88 11.46 -26.65 14.91
C ASN A 88 12.86 -27.14 14.54
C ASN A 88 12.84 -27.16 14.51
N GLU A 89 13.58 -26.36 13.74
CA GLU A 89 14.90 -26.77 13.28
C GLU A 89 15.91 -26.76 14.41
N LEU A 90 15.74 -25.89 15.42
CA LEU A 90 16.65 -25.88 16.55
C LEU A 90 16.42 -27.03 17.53
N GLY A 91 15.44 -27.91 17.27
CA GLY A 91 15.31 -29.12 18.07
C GLY A 91 15.07 -28.80 19.53
N ASP A 92 15.86 -29.45 20.42
CA ASP A 92 15.72 -29.18 21.85
C ASP A 92 16.29 -27.83 22.28
N HIS A 93 16.62 -26.94 21.34
CA HIS A 93 16.88 -25.54 21.65
C HIS A 93 15.78 -24.63 21.10
N GLY A 94 14.72 -25.21 20.55
CA GLY A 94 13.73 -24.40 19.85
C GLY A 94 12.99 -23.45 20.76
N HIS A 95 12.92 -23.77 22.06
CA HIS A 95 12.32 -22.84 23.01
C HIS A 95 13.05 -21.51 23.07
N LYS A 96 14.26 -21.38 22.50
CA LYS A 96 14.94 -20.10 22.47
C LYS A 96 14.35 -19.15 21.43
N VAL A 97 13.46 -19.65 20.58
CA VAL A 97 12.95 -18.90 19.44
C VAL A 97 11.59 -18.35 19.79
N GLY A 98 11.42 -17.04 19.63
CA GLY A 98 10.13 -16.40 19.74
C GLY A 98 9.90 -15.40 18.62
N TYR A 99 8.73 -14.77 18.65
CA TYR A 99 8.39 -13.73 17.70
C TYR A 99 7.55 -12.65 18.38
N GLN A 100 7.48 -11.51 17.71
CA GLN A 100 6.65 -10.40 18.18
C GLN A 100 6.18 -9.65 16.94
N ILE A 101 4.87 -9.67 16.69
CA ILE A 101 4.27 -8.94 15.58
C ILE A 101 3.27 -7.89 16.04
N ARG A 102 3.06 -7.73 17.34
CA ARG A 102 2.20 -6.69 17.85
C ARG A 102 3.06 -5.78 18.70
N PHE A 103 2.67 -4.50 18.76
CA PHE A 103 3.48 -3.53 19.50
C PHE A 103 3.52 -3.87 20.99
N ASP A 104 2.40 -4.33 21.54
CA ASP A 104 2.27 -4.48 22.98
C ASP A 104 2.26 -5.95 23.43
N SER A 105 2.66 -6.86 22.56
CA SER A 105 3.12 -8.17 22.99
C SER A 105 4.45 -8.05 23.72
N THR A 106 4.56 -8.64 24.91
CA THR A 106 5.84 -8.68 25.61
C THR A 106 6.34 -10.11 25.58
N ALA A 107 7.56 -10.29 25.08
CA ALA A 107 8.04 -11.59 24.64
C ALA A 107 8.60 -12.42 25.79
N LYS A 108 8.72 -13.71 25.52
CA LYS A 108 9.14 -14.67 26.53
C LYS A 108 10.52 -14.30 27.07
N GLU A 109 10.79 -14.78 28.29
CA GLU A 109 12.05 -14.54 29.00
C GLU A 109 13.22 -15.09 28.20
N ASP A 110 13.16 -16.38 27.87
CA ASP A 110 14.29 -17.12 27.32
C ASP A 110 14.45 -16.92 25.83
N THR A 111 13.64 -16.08 25.20
CA THR A 111 13.82 -15.84 23.77
C THR A 111 15.21 -15.28 23.53
N LYS A 112 15.99 -15.99 22.74
CA LYS A 112 17.30 -15.54 22.30
C LYS A 112 17.36 -15.32 20.80
N VAL A 113 16.41 -15.88 20.03
CA VAL A 113 16.26 -15.61 18.60
C VAL A 113 14.87 -15.06 18.42
N LYS A 114 14.76 -13.80 18.02
CA LYS A 114 13.48 -13.08 18.00
C LYS A 114 13.14 -12.66 16.58
N PHE A 115 12.06 -13.22 16.04
CA PHE A 115 11.50 -12.75 14.79
C PHE A 115 10.50 -11.64 15.07
N MET A 116 10.57 -10.58 14.27
CA MET A 116 9.64 -9.49 14.43
C MET A 116 9.42 -8.82 13.08
N THR A 117 8.42 -7.94 13.04
CA THR A 117 8.37 -7.03 11.90
C THR A 117 9.40 -5.92 12.06
N ASP A 118 9.77 -5.33 10.93
CA ASP A 118 10.34 -4.00 10.82
C ASP A 118 9.89 -3.03 11.90
N GLY A 119 8.58 -2.80 11.94
CA GLY A 119 8.05 -1.72 12.78
C GLY A 119 8.23 -1.99 14.25
N VAL A 120 8.29 -3.27 14.65
CA VAL A 120 8.54 -3.60 16.04
C VAL A 120 9.92 -3.13 16.46
N LEU A 121 10.93 -3.37 15.60
CA LEU A 121 12.29 -2.96 15.94
C LEU A 121 12.44 -1.44 15.90
N LEU A 122 11.83 -0.80 14.91
CA LEU A 122 11.79 0.67 14.92
C LEU A 122 11.25 1.19 16.23
N ARG A 123 10.18 0.58 16.76
CA ARG A 123 9.65 1.06 18.04
C ARG A 123 10.59 0.77 19.21
N GLU A 124 11.28 -0.39 19.20
CA GLU A 124 12.25 -0.63 20.26
C GLU A 124 13.37 0.41 20.25
N MET A 125 13.73 0.90 19.07
CA MET A 125 14.79 1.90 18.98
C MET A 125 14.38 3.22 19.59
N MET A 126 13.09 3.46 19.80
CA MET A 126 12.67 4.69 20.47
C MET A 126 13.04 4.65 21.94
N HIS A 127 13.04 3.46 22.55
CA HIS A 127 13.37 3.35 23.96
C HIS A 127 14.82 3.01 24.21
N ASP A 128 15.50 2.38 23.26
CA ASP A 128 16.93 2.10 23.41
C ASP A 128 17.56 2.13 22.03
N PHE A 129 18.02 3.33 21.62
CA PHE A 129 18.54 3.49 20.26
C PHE A 129 19.65 2.49 19.99
N LYS A 130 20.49 2.24 20.99
CA LYS A 130 21.64 1.37 20.82
C LYS A 130 21.25 -0.10 20.64
N LEU A 131 20.01 -0.48 20.92
CA LEU A 131 19.58 -1.87 20.84
C LEU A 131 20.50 -2.79 21.64
N THR A 132 20.80 -2.38 22.87
CA THR A 132 21.79 -3.11 23.66
C THR A 132 21.36 -4.55 23.96
N LYS A 133 20.07 -4.85 23.93
CA LYS A 133 19.65 -6.23 24.13
C LYS A 133 20.06 -7.16 23.00
N TYR A 134 20.63 -6.65 21.92
CA TYR A 134 20.87 -7.47 20.73
C TYR A 134 22.36 -7.54 20.45
N SER A 135 22.83 -8.75 20.13
CA SER A 135 24.16 -8.96 19.60
C SER A 135 24.17 -8.83 18.09
N SER A 136 23.04 -9.14 17.46
CA SER A 136 22.98 -9.12 16.00
C SER A 136 21.56 -8.77 15.54
N ILE A 137 21.48 -8.04 14.43
CA ILE A 137 20.21 -7.72 13.80
C ILE A 137 20.27 -8.12 12.35
N ILE A 138 19.31 -8.95 11.93
CA ILE A 138 19.18 -9.38 10.55
C ILE A 138 17.94 -8.69 9.98
N ILE A 139 18.17 -7.78 9.04
CA ILE A 139 17.11 -7.10 8.31
C ILE A 139 16.86 -7.91 7.05
N ASP A 140 15.75 -8.62 7.03
CA ASP A 140 15.49 -9.61 5.98
C ASP A 140 14.60 -9.02 4.89
N GLU A 141 14.60 -9.69 3.74
CA GLU A 141 13.70 -9.38 2.64
C GLU A 141 13.83 -7.93 2.18
N ALA A 142 15.06 -7.39 2.22
CA ALA A 142 15.25 -5.96 1.96
C ALA A 142 14.94 -5.60 0.52
N HIS A 143 14.97 -6.59 -0.40
CA HIS A 143 14.66 -6.26 -1.78
C HIS A 143 13.24 -5.77 -1.93
N GLU A 144 12.37 -6.02 -0.95
CA GLU A 144 10.99 -5.51 -1.10
C GLU A 144 10.88 -4.00 -0.92
N ARG A 145 11.86 -3.36 -0.27
CA ARG A 145 11.96 -1.90 -0.15
C ARG A 145 10.68 -1.27 0.41
N ASN A 146 10.10 -1.93 1.41
CA ASN A 146 9.02 -1.30 2.17
C ASN A 146 9.58 -0.10 2.94
N ILE A 147 8.71 0.88 3.20
CA ILE A 147 9.20 2.12 3.81
C ILE A 147 9.85 1.84 5.16
N ASN A 148 9.21 1.01 5.99
CA ASN A 148 9.82 0.70 7.29
C ASN A 148 11.17 0.00 7.13
N THR A 149 11.35 -0.80 6.08
CA THR A 149 12.63 -1.48 5.88
C THR A 149 13.74 -0.49 5.56
N ASP A 150 13.48 0.45 4.63
CA ASP A 150 14.43 1.51 4.36
C ASP A 150 14.74 2.32 5.62
N ILE A 151 13.71 2.67 6.40
CA ILE A 151 13.97 3.49 7.57
C ILE A 151 14.83 2.73 8.56
N LEU A 152 14.47 1.45 8.80
CA LEU A 152 15.23 0.61 9.72
C LEU A 152 16.68 0.47 9.25
N ILE A 153 16.91 0.37 7.94
CA ILE A 153 18.28 0.23 7.47
C ILE A 153 19.08 1.49 7.76
N GLY A 154 18.49 2.66 7.56
CA GLY A 154 19.18 3.89 7.95
C GLY A 154 19.44 3.97 9.46
N MET A 155 18.41 3.68 10.25
CA MET A 155 18.56 3.68 11.70
C MET A 155 19.67 2.71 12.13
N LEU A 156 19.65 1.49 11.58
CA LEU A 156 20.67 0.50 11.95
C LEU A 156 22.07 0.92 11.50
N SER A 157 22.19 1.65 10.38
CA SER A 157 23.53 2.12 10.03
C SER A 157 24.09 3.00 11.16
N ARG A 158 23.26 3.92 11.65
N ARG A 158 23.27 3.92 11.67
CA ARG A 158 23.72 4.73 12.78
CA ARG A 158 23.69 4.72 12.81
C ARG A 158 23.97 3.86 14.03
C ARG A 158 23.98 3.85 14.02
N CYS A 159 23.08 2.90 14.31
CA CYS A 159 23.21 2.11 15.52
C CYS A 159 24.51 1.30 15.52
N VAL A 160 24.82 0.64 14.40
CA VAL A 160 26.03 -0.19 14.34
C VAL A 160 27.26 0.70 14.48
N ARG A 161 27.27 1.87 13.83
CA ARG A 161 28.38 2.81 14.01
CA ARG A 161 28.39 2.78 14.02
C ARG A 161 28.57 3.15 15.50
N LEU A 162 27.48 3.46 16.18
CA LEU A 162 27.58 3.88 17.58
C LEU A 162 28.06 2.73 18.45
N ARG A 163 27.49 1.54 18.25
CA ARG A 163 27.90 0.36 19.01
C ARG A 163 29.37 0.06 18.81
N ALA A 164 29.88 0.26 17.59
CA ALA A 164 31.29 0.00 17.32
C ALA A 164 32.16 0.99 18.07
N LYS A 165 31.81 2.28 18.03
CA LYS A 165 32.55 3.28 18.78
C LYS A 165 32.63 2.90 20.26
N LEU A 166 31.48 2.65 20.89
CA LEU A 166 31.47 2.33 22.31
C LEU A 166 32.26 1.06 22.61
N HIS A 167 32.14 0.04 21.75
CA HIS A 167 32.87 -1.21 21.98
C HIS A 167 34.36 -0.98 21.89
N LYS A 168 34.79 -0.16 20.92
CA LYS A 168 36.20 0.20 20.86
C LYS A 168 36.66 0.79 22.19
N GLU A 169 35.83 1.63 22.80
CA GLU A 169 36.27 2.30 24.03
C GLU A 169 36.44 1.30 25.18
N ASN A 170 35.41 0.51 25.47
CA ASN A 170 35.46 -0.44 26.58
C ASN A 170 34.72 -1.70 26.16
N PRO A 171 35.44 -2.74 25.73
CA PRO A 171 34.75 -3.93 25.21
C PRO A 171 34.08 -4.75 26.29
N ILE A 172 34.54 -4.64 27.55
CA ILE A 172 33.86 -5.37 28.61
C ILE A 172 32.46 -4.81 28.82
N GLU A 173 32.30 -3.49 28.68
CA GLU A 173 31.05 -2.81 28.96
C GLU A 173 30.16 -2.62 27.75
N HIS A 174 30.71 -2.50 26.54
CA HIS A 174 29.92 -2.25 25.33
C HIS A 174 30.25 -3.29 24.29
N LYS A 175 29.25 -4.07 23.88
CA LYS A 175 29.45 -5.15 22.92
C LYS A 175 29.22 -4.66 21.50
N LYS A 176 29.87 -5.34 20.56
CA LYS A 176 29.68 -5.02 19.17
C LYS A 176 28.28 -5.44 18.73
N LEU A 177 27.89 -4.96 17.56
CA LEU A 177 26.60 -5.31 16.99
C LEU A 177 26.84 -5.73 15.56
N LYS A 178 26.42 -6.94 15.22
CA LYS A 178 26.55 -7.43 13.86
C LYS A 178 25.26 -7.14 13.10
N LEU A 179 25.34 -6.28 12.10
CA LEU A 179 24.21 -6.02 11.22
C LEU A 179 24.34 -6.85 9.95
N ILE A 180 23.28 -7.58 9.62
CA ILE A 180 23.21 -8.38 8.40
C ILE A 180 21.96 -7.97 7.63
N ILE A 181 22.14 -7.63 6.36
CA ILE A 181 21.04 -7.29 5.47
C ILE A 181 20.92 -8.40 4.45
N MET A 182 19.74 -8.94 4.28
CA MET A 182 19.53 -10.06 3.37
C MET A 182 18.56 -9.68 2.27
N SER A 183 18.87 -10.11 1.05
CA SER A 183 18.12 -9.73 -0.14
C SER A 183 17.92 -10.95 -1.04
N ALA A 184 16.77 -11.03 -1.71
CA ALA A 184 16.58 -12.10 -2.69
C ALA A 184 17.37 -11.85 -3.97
N THR A 185 17.67 -10.60 -4.28
CA THR A 185 18.27 -10.19 -5.53
C THR A 185 19.60 -9.49 -5.25
N LEU A 186 20.28 -9.17 -6.35
CA LEU A 186 21.53 -8.42 -6.31
C LEU A 186 21.32 -6.92 -6.33
N ARG A 187 20.07 -6.45 -6.35
CA ARG A 187 19.82 -5.01 -6.45
C ARG A 187 20.00 -4.32 -5.11
N VAL A 188 21.24 -4.26 -4.62
CA VAL A 188 21.51 -3.77 -3.28
C VAL A 188 22.42 -2.54 -3.29
N SER A 189 22.65 -1.93 -4.45
CA SER A 189 23.57 -0.80 -4.50
C SER A 189 23.04 0.41 -3.73
N ASP A 190 21.72 0.52 -3.57
CA ASP A 190 21.18 1.56 -2.71
C ASP A 190 21.58 1.37 -1.26
N PHE A 191 21.99 0.15 -0.90
CA PHE A 191 22.59 -0.12 0.40
C PHE A 191 24.12 -0.19 0.33
N SER A 192 24.67 -1.03 -0.55
CA SER A 192 26.09 -1.33 -0.49
C SER A 192 26.96 -0.14 -0.91
N GLU A 193 26.50 0.64 -1.87
CA GLU A 193 27.29 1.74 -2.41
C GLU A 193 26.89 3.08 -1.83
N ASN A 194 25.98 3.09 -0.86
CA ASN A 194 25.48 4.34 -0.26
C ASN A 194 26.45 4.75 0.84
N LYS A 195 27.27 5.76 0.55
CA LYS A 195 28.31 6.17 1.52
C LYS A 195 27.72 6.85 2.74
N THR A 196 26.53 7.45 2.64
CA THR A 196 25.93 8.02 3.84
C THR A 196 25.43 6.93 4.77
N LEU A 197 25.04 5.77 4.22
CA LEU A 197 24.69 4.62 5.03
C LEU A 197 25.94 3.97 5.59
N PHE A 198 26.82 3.53 4.71
CA PHE A 198 28.03 2.81 5.12
C PHE A 198 29.25 3.50 4.56
N PRO A 199 30.00 4.25 5.39
CA PRO A 199 31.21 4.93 4.89
C PRO A 199 32.18 3.95 4.26
N ILE A 200 32.28 2.76 4.83
CA ILE A 200 33.05 1.67 4.25
CA ILE A 200 33.04 1.66 4.25
C ILE A 200 32.06 0.62 3.76
N ALA A 201 32.11 0.32 2.46
CA ALA A 201 31.16 -0.58 1.85
C ALA A 201 31.19 -1.96 2.51
N PRO A 202 30.03 -2.51 2.88
CA PRO A 202 30.00 -3.87 3.43
C PRO A 202 30.26 -4.89 2.36
N PRO A 203 30.76 -6.07 2.72
CA PRO A 203 30.82 -7.16 1.74
C PRO A 203 29.42 -7.56 1.30
N VAL A 204 29.30 -7.93 0.03
CA VAL A 204 28.09 -8.48 -0.57
C VAL A 204 28.37 -9.94 -0.92
N LEU A 205 27.81 -10.87 -0.15
CA LEU A 205 27.95 -12.30 -0.40
C LEU A 205 26.81 -12.79 -1.27
N GLN A 206 27.12 -13.61 -2.26
CA GLN A 206 26.10 -14.17 -3.15
C GLN A 206 26.01 -15.67 -2.92
N VAL A 207 24.79 -16.16 -2.72
CA VAL A 207 24.54 -17.58 -2.56
C VAL A 207 23.93 -18.10 -3.86
N ASP A 208 24.51 -19.16 -4.41
CA ASP A 208 24.14 -19.60 -5.75
C ASP A 208 23.13 -20.72 -5.61
N ALA A 209 21.86 -20.35 -5.54
CA ALA A 209 20.80 -21.33 -5.43
C ALA A 209 20.63 -22.05 -6.76
N ARG A 210 20.16 -23.29 -6.69
CA ARG A 210 19.95 -24.21 -7.80
C ARG A 210 18.44 -24.25 -8.03
N GLN A 211 17.94 -23.50 -9.00
CA GLN A 211 16.51 -23.51 -9.29
C GLN A 211 16.29 -24.39 -10.51
N PHE A 212 15.35 -25.30 -10.40
CA PHE A 212 14.96 -26.11 -11.55
C PHE A 212 14.30 -25.23 -12.61
N PRO A 213 14.37 -25.63 -13.88
CA PRO A 213 13.72 -24.84 -14.93
C PRO A 213 12.21 -24.80 -14.74
N VAL A 214 11.63 -23.63 -14.99
CA VAL A 214 10.19 -23.46 -14.95
C VAL A 214 9.74 -23.02 -16.33
N SER A 215 8.82 -23.78 -16.93
CA SER A 215 8.24 -23.44 -18.23
C SER A 215 7.17 -22.35 -18.04
N ILE A 216 7.31 -21.25 -18.75
CA ILE A 216 6.45 -20.09 -18.57
C ILE A 216 5.38 -20.13 -19.66
N HIS A 217 4.11 -20.12 -19.26
CA HIS A 217 3.01 -20.18 -20.21
C HIS A 217 2.20 -18.89 -20.11
N PHE A 218 2.25 -18.08 -21.17
CA PHE A 218 1.39 -16.91 -21.27
C PHE A 218 0.04 -17.34 -21.82
N ASN A 219 -1.02 -16.71 -21.32
CA ASN A 219 -2.31 -16.82 -21.99
C ASN A 219 -2.28 -16.06 -23.32
N ARG A 220 -3.24 -16.38 -24.18
CA ARG A 220 -3.26 -15.75 -25.50
C ARG A 220 -3.71 -14.30 -25.40
N ARG A 221 -4.68 -14.05 -24.53
CA ARG A 221 -5.18 -12.72 -24.23
C ARG A 221 -5.22 -12.56 -22.71
N THR A 222 -5.47 -11.33 -22.28
CA THR A 222 -5.41 -10.96 -20.88
C THR A 222 -6.82 -10.74 -20.36
N ALA A 223 -7.31 -11.66 -19.53
CA ALA A 223 -8.70 -11.56 -19.08
C ALA A 223 -8.86 -10.46 -18.04
N PHE A 224 -9.97 -9.74 -18.14
CA PHE A 224 -10.30 -8.71 -17.16
C PHE A 224 -10.75 -9.33 -15.85
N ASN A 225 -11.54 -10.40 -15.94
CA ASN A 225 -12.01 -11.12 -14.77
C ASN A 225 -10.95 -12.16 -14.41
N TYR A 226 -9.89 -11.69 -13.73
CA TYR A 226 -8.78 -12.60 -13.47
C TYR A 226 -9.12 -13.64 -12.41
N THR A 227 -10.04 -13.35 -11.49
CA THR A 227 -10.38 -14.37 -10.50
C THR A 227 -11.08 -15.55 -11.14
N ASP A 228 -12.01 -15.29 -12.09
N ASP A 228 -12.00 -15.29 -12.09
CA ASP A 228 -12.64 -16.40 -12.80
CA ASP A 228 -12.64 -16.41 -12.78
C ASP A 228 -11.63 -17.15 -13.64
C ASP A 228 -11.65 -17.15 -13.68
N GLU A 229 -10.73 -16.44 -14.31
CA GLU A 229 -9.73 -17.11 -15.14
C GLU A 229 -8.80 -17.98 -14.29
N ALA A 230 -8.38 -17.47 -13.12
CA ALA A 230 -7.52 -18.25 -12.23
C ALA A 230 -8.24 -19.48 -11.74
N PHE A 231 -9.52 -19.36 -11.36
CA PHE A 231 -10.30 -20.53 -11.00
C PHE A 231 -10.30 -21.56 -12.13
N ARG A 232 -10.56 -21.10 -13.35
CA ARG A 232 -10.65 -21.98 -14.49
C ARG A 232 -9.33 -22.70 -14.74
N LYS A 233 -8.23 -21.96 -14.70
CA LYS A 233 -6.90 -22.53 -14.94
C LYS A 233 -6.51 -23.49 -13.83
N THR A 234 -6.86 -23.15 -12.58
CA THR A 234 -6.52 -24.01 -11.48
C THR A 234 -7.25 -25.34 -11.59
N CYS A 235 -8.53 -25.30 -11.97
CA CYS A 235 -9.27 -26.54 -12.16
C CYS A 235 -8.65 -27.40 -13.26
N LYS A 236 -8.24 -26.77 -14.37
CA LYS A 236 -7.65 -27.56 -15.45
C LYS A 236 -6.34 -28.21 -15.02
N ILE A 237 -5.46 -27.44 -14.36
CA ILE A 237 -4.21 -28.03 -13.84
C ILE A 237 -4.54 -29.24 -12.95
N HIS A 238 -5.43 -29.04 -11.98
CA HIS A 238 -5.74 -30.10 -11.03
C HIS A 238 -6.27 -31.35 -11.72
N GLN A 239 -7.16 -31.18 -12.70
CA GLN A 239 -7.81 -32.33 -13.31
C GLN A 239 -6.94 -33.06 -14.32
N LYS A 240 -5.98 -32.40 -14.98
CA LYS A 240 -5.21 -33.09 -16.01
C LYS A 240 -3.76 -33.42 -15.63
N LEU A 241 -3.11 -32.66 -14.70
CA LEU A 241 -1.65 -32.70 -14.59
C LEU A 241 -1.15 -33.56 -13.43
N PRO A 242 0.06 -34.09 -13.52
CA PRO A 242 0.57 -35.06 -12.52
C PRO A 242 0.73 -34.42 -11.14
N PRO A 243 1.04 -35.23 -10.10
CA PRO A 243 1.05 -34.68 -8.73
C PRO A 243 2.01 -33.53 -8.53
N GLY A 244 1.67 -32.67 -7.58
CA GLY A 244 2.47 -31.52 -7.20
C GLY A 244 1.51 -30.40 -6.81
N ALA A 245 1.99 -29.50 -5.94
CA ALA A 245 1.10 -28.48 -5.39
C ALA A 245 0.91 -27.30 -6.35
N ILE A 246 -0.22 -26.61 -6.18
CA ILE A 246 -0.59 -25.42 -6.97
C ILE A 246 -0.54 -24.21 -6.06
N LEU A 247 0.18 -23.19 -6.47
CA LEU A 247 0.21 -21.90 -5.80
C LEU A 247 -0.45 -20.88 -6.72
N VAL A 248 -1.50 -20.23 -6.24
CA VAL A 248 -2.26 -19.25 -6.99
C VAL A 248 -1.99 -17.87 -6.41
N PHE A 249 -1.67 -16.91 -7.25
CA PHE A 249 -1.37 -15.54 -6.80
C PHE A 249 -2.53 -14.61 -7.14
N LEU A 250 -3.36 -14.28 -6.15
CA LEU A 250 -4.35 -13.19 -6.20
C LEU A 250 -3.82 -11.97 -5.39
N THR A 251 -4.71 -11.02 -5.05
CA THR A 251 -4.24 -9.74 -4.54
C THR A 251 -4.72 -9.37 -3.14
N GLY A 252 -5.74 -10.05 -2.60
CA GLY A 252 -6.31 -9.64 -1.33
C GLY A 252 -7.21 -10.70 -0.72
N GLN A 253 -7.58 -10.48 0.54
CA GLN A 253 -8.32 -11.49 1.28
C GLN A 253 -9.65 -11.87 0.60
N GLN A 254 -10.48 -10.87 0.26
CA GLN A 254 -11.81 -11.14 -0.31
C GLN A 254 -11.71 -12.08 -1.50
N GLU A 255 -10.83 -11.76 -2.45
CA GLU A 255 -10.66 -12.60 -3.62
C GLU A 255 -10.27 -14.02 -3.18
N ILE A 256 -9.35 -14.12 -2.22
CA ILE A 256 -8.81 -15.42 -1.83
C ILE A 256 -9.90 -16.28 -1.20
N THR A 257 -10.65 -15.68 -0.28
CA THR A 257 -11.75 -16.38 0.38
C THR A 257 -12.77 -16.89 -0.64
N HIS A 258 -13.11 -16.04 -1.62
CA HIS A 258 -14.10 -16.47 -2.63
C HIS A 258 -13.56 -17.61 -3.48
N MET A 259 -12.30 -17.52 -3.89
N MET A 259 -12.30 -17.51 -3.88
CA MET A 259 -11.71 -18.54 -4.73
CA MET A 259 -11.67 -18.53 -4.72
C MET A 259 -11.57 -19.88 -3.98
C MET A 259 -11.56 -19.87 -3.99
N VAL A 260 -11.18 -19.83 -2.71
CA VAL A 260 -11.07 -21.05 -1.92
C VAL A 260 -12.44 -21.70 -1.74
N LYS A 261 -13.49 -20.89 -1.56
CA LYS A 261 -14.82 -21.48 -1.46
C LYS A 261 -15.24 -22.16 -2.77
N ARG A 262 -14.97 -21.51 -3.91
CA ARG A 262 -15.29 -22.15 -5.19
C ARG A 262 -14.55 -23.48 -5.33
N LEU A 263 -13.25 -23.48 -5.03
CA LEU A 263 -12.45 -24.69 -5.20
C LEU A 263 -12.92 -25.81 -4.27
N ARG A 264 -13.24 -25.47 -3.01
CA ARG A 264 -13.74 -26.51 -2.10
C ARG A 264 -15.05 -27.10 -2.60
N LYS A 265 -15.91 -26.25 -3.15
CA LYS A 265 -17.18 -26.77 -3.66
C LYS A 265 -16.98 -27.62 -4.91
N GLU A 266 -15.97 -27.29 -5.72
CA GLU A 266 -15.71 -28.02 -6.96
C GLU A 266 -15.02 -29.36 -6.72
N PHE A 267 -14.14 -29.46 -5.74
CA PHE A 267 -13.40 -30.70 -5.49
C PHE A 267 -13.41 -31.08 -4.01
N PRO A 268 -14.58 -31.39 -3.46
CA PRO A 268 -14.65 -31.72 -2.04
C PRO A 268 -14.04 -33.08 -1.72
N PHE A 269 -13.77 -33.27 -0.42
CA PHE A 269 -13.61 -34.61 0.13
C PHE A 269 -14.99 -35.23 0.32
N LYS A 270 -15.01 -36.51 0.69
CA LYS A 270 -16.29 -37.22 0.84
C LYS A 270 -17.13 -36.56 1.92
N LYS A 271 -18.39 -36.95 2.00
CA LYS A 271 -19.33 -36.24 2.85
C LYS A 271 -19.01 -36.50 4.33
N ASN A 272 -18.97 -35.41 5.10
CA ASN A 272 -18.63 -35.44 6.52
C ASN A 272 -17.24 -36.04 6.77
N SER A 273 -16.33 -35.84 5.81
CA SER A 273 -14.93 -36.18 6.03
C SER A 273 -14.31 -35.23 7.04
N LYS A 274 -13.42 -35.76 7.89
CA LYS A 274 -12.72 -34.91 8.85
C LYS A 274 -11.99 -33.77 8.13
N TYR A 275 -11.45 -34.04 6.95
CA TYR A 275 -10.70 -33.01 6.23
C TYR A 275 -11.55 -31.80 5.91
N ASN A 276 -12.85 -31.97 5.65
CA ASN A 276 -13.70 -30.82 5.35
C ASN A 276 -13.99 -29.95 6.58
N LYS A 277 -13.18 -30.08 7.64
CA LYS A 277 -13.06 -29.04 8.67
C LYS A 277 -11.63 -28.70 9.05
N ASP A 278 -10.63 -29.51 8.65
CA ASP A 278 -9.27 -29.00 8.69
C ASP A 278 -9.12 -27.81 7.74
N LEU A 279 -9.95 -27.77 6.69
CA LEU A 279 -9.92 -26.69 5.73
C LEU A 279 -10.76 -25.50 6.15
N GLU A 280 -11.69 -25.67 7.09
CA GLU A 280 -12.56 -24.56 7.47
C GLU A 280 -11.73 -23.40 8.05
N THR A 281 -12.11 -22.20 7.68
CA THR A 281 -11.44 -20.97 8.12
C THR A 281 -12.52 -20.13 8.79
N PRO A 282 -12.88 -20.45 10.04
CA PRO A 282 -14.05 -19.79 10.65
C PRO A 282 -13.86 -18.29 10.87
N VAL A 283 -12.65 -17.77 10.77
CA VAL A 283 -12.36 -16.37 11.02
C VAL A 283 -11.57 -15.86 9.81
N SER A 284 -12.20 -15.01 9.01
CA SER A 284 -11.58 -14.55 7.77
C SER A 284 -10.38 -13.65 8.03
N LYS A 285 -10.42 -12.86 9.11
CA LYS A 285 -9.31 -11.97 9.41
C LYS A 285 -9.22 -11.80 10.92
N MET A 286 -8.00 -11.58 11.40
CA MET A 286 -7.82 -11.24 12.80
C MET A 286 -8.26 -9.80 13.03
N GLY A 287 -8.67 -9.52 14.28
CA GLY A 287 -8.89 -8.16 14.72
C GLY A 287 -7.59 -7.40 14.70
N ILE A 288 -7.47 -6.46 13.78
CA ILE A 288 -6.19 -5.81 13.53
C ILE A 288 -6.46 -4.37 13.14
N ASN A 289 -5.67 -3.45 13.68
CA ASN A 289 -5.69 -2.07 13.23
C ASN A 289 -4.30 -1.46 13.45
N SER A 290 -4.17 -0.18 13.09
CA SER A 290 -2.87 0.46 13.08
C SER A 290 -2.33 0.73 14.49
N LYS A 291 -3.19 0.69 15.51
CA LYS A 291 -2.70 0.88 16.87
C LYS A 291 -1.90 -0.31 17.39
N THR A 292 -2.13 -1.52 16.88
CA THR A 292 -1.49 -2.71 17.43
C THR A 292 -0.44 -3.32 16.51
N THR A 293 -0.56 -3.17 15.20
CA THR A 293 0.46 -3.68 14.30
C THR A 293 0.63 -2.73 13.13
N ASP A 294 1.68 -2.99 12.35
CA ASP A 294 1.98 -2.17 11.18
C ASP A 294 1.18 -2.69 10.00
N LEU A 295 0.19 -1.93 9.57
CA LEU A 295 -0.63 -2.38 8.46
C LEU A 295 0.25 -2.49 7.20
N GLU A 296 0.07 -3.58 6.47
CA GLU A 296 0.69 -3.81 5.17
C GLU A 296 -0.31 -3.42 4.08
N ALA A 297 0.21 -3.00 2.92
CA ALA A 297 -0.60 -2.61 1.78
C ALA A 297 -1.76 -3.58 1.57
N GLU A 298 -1.43 -4.87 1.67
CA GLU A 298 -2.40 -5.95 1.49
C GLU A 298 -3.60 -5.83 2.44
N ASP A 299 -3.38 -5.32 3.66
N ASP A 299 -3.42 -5.35 3.67
CA ASP A 299 -4.46 -5.26 4.66
CA ASP A 299 -4.57 -5.33 4.57
C ASP A 299 -5.40 -4.08 4.47
C ASP A 299 -5.35 -4.02 4.56
N ILE A 300 -4.99 -3.06 3.70
CA ILE A 300 -5.69 -1.78 3.64
C ILE A 300 -6.62 -1.78 2.44
N ASP A 301 -7.90 -1.49 2.70
CA ASP A 301 -8.94 -1.38 1.68
C ASP A 301 -9.32 0.11 1.55
N PHE A 302 -8.66 0.78 0.59
CA PHE A 302 -8.89 2.20 0.33
C PHE A 302 -8.38 2.39 -1.10
N SER A 303 -9.29 2.16 -2.05
CA SER A 303 -8.98 2.16 -3.47
C SER A 303 -9.82 3.24 -4.13
N VAL A 304 -9.20 4.07 -4.97
CA VAL A 304 -9.91 5.19 -5.60
C VAL A 304 -10.06 5.03 -7.10
N GLN A 305 -9.46 4.01 -7.70
CA GLN A 305 -9.48 3.88 -9.15
C GLN A 305 -10.78 3.22 -9.60
N VAL A 306 -11.39 3.77 -10.65
CA VAL A 306 -12.52 3.12 -11.28
C VAL A 306 -12.07 1.78 -11.87
N ILE A 307 -12.77 0.71 -11.52
CA ILE A 307 -12.65 -0.54 -12.24
C ILE A 307 -13.61 -0.48 -13.43
N ASP A 308 -13.14 -0.91 -14.60
CA ASP A 308 -13.98 -0.77 -15.80
C ASP A 308 -13.46 -1.63 -16.92
N GLN A 309 -14.26 -2.61 -17.35
CA GLN A 309 -13.78 -3.60 -18.31
C GLN A 309 -13.46 -2.95 -19.66
N ASP A 310 -14.28 -1.99 -20.10
CA ASP A 310 -14.08 -1.39 -21.42
C ASP A 310 -12.76 -0.63 -21.47
N LYS A 311 -12.49 0.16 -20.42
CA LYS A 311 -11.21 0.88 -20.27
C LYS A 311 -10.03 -0.09 -20.22
N PHE A 312 -10.18 -1.18 -19.47
CA PHE A 312 -9.15 -2.20 -19.39
C PHE A 312 -8.83 -2.76 -20.77
N LYS A 313 -9.85 -3.18 -21.51
CA LYS A 313 -9.64 -3.81 -22.80
C LYS A 313 -9.06 -2.83 -23.81
N SER A 314 -9.51 -1.57 -23.81
CA SER A 314 -8.94 -0.64 -24.79
C SER A 314 -7.50 -0.30 -24.43
N ALA A 315 -7.18 -0.24 -23.13
CA ALA A 315 -5.80 -0.05 -22.74
C ALA A 315 -4.86 -1.14 -23.27
N ILE A 316 -5.34 -2.37 -23.49
CA ILE A 316 -4.44 -3.45 -23.90
C ILE A 316 -4.79 -4.03 -25.26
N ARG A 317 -5.41 -3.23 -26.12
CA ARG A 317 -5.91 -3.76 -27.38
C ARG A 317 -4.78 -4.11 -28.35
N TYR A 318 -3.59 -3.55 -28.13
CA TYR A 318 -2.46 -3.94 -28.96
C TYR A 318 -2.21 -5.45 -28.93
N GLU A 319 -2.59 -6.13 -27.83
CA GLU A 319 -2.39 -7.57 -27.73
C GLU A 319 -3.28 -8.34 -28.72
N GLU A 320 -4.33 -7.72 -29.23
N GLU A 320 -4.34 -7.73 -29.23
CA GLU A 320 -5.20 -8.39 -30.21
CA GLU A 320 -5.19 -8.42 -30.19
C GLU A 320 -4.51 -8.59 -31.54
C GLU A 320 -4.49 -8.63 -31.53
N ASP A 321 -3.43 -7.87 -31.81
CA ASP A 321 -2.59 -8.09 -32.99
C ASP A 321 -1.70 -9.29 -32.68
N GLU A 322 -2.27 -10.48 -32.87
CA GLU A 322 -1.63 -11.74 -32.49
C GLU A 322 -1.32 -11.82 -31.01
N GLU A 334 -7.03 -22.92 -31.08
CA GLU A 334 -5.72 -23.46 -30.74
C GLU A 334 -5.55 -23.62 -29.22
N GLU A 335 -4.76 -24.62 -28.85
CA GLU A 335 -4.78 -25.17 -27.49
C GLU A 335 -3.99 -24.34 -26.51
N GLU A 336 -4.42 -24.41 -25.25
CA GLU A 336 -3.72 -23.81 -24.13
C GLU A 336 -2.40 -24.54 -23.88
N GLU A 337 -1.35 -23.78 -23.58
CA GLU A 337 -0.04 -24.40 -23.44
C GLU A 337 0.19 -24.90 -22.02
N GLY A 338 1.07 -25.88 -21.89
CA GLY A 338 1.45 -26.40 -20.61
C GLY A 338 0.53 -27.48 -20.06
N PHE A 339 -0.24 -28.15 -20.92
CA PHE A 339 -1.14 -29.21 -20.48
C PHE A 339 -0.90 -30.53 -21.20
N GLU A 340 0.35 -30.80 -21.57
CA GLU A 340 0.66 -32.04 -22.29
C GLU A 340 0.98 -33.23 -21.38
N GLU A 341 1.36 -32.99 -20.13
CA GLU A 341 1.52 -34.07 -19.18
C GLU A 341 0.15 -34.64 -18.77
N VAL A 342 0.15 -35.88 -18.28
CA VAL A 342 -1.10 -36.57 -17.97
C VAL A 342 -1.08 -37.05 -16.52
N LEU A 343 -2.27 -37.41 -16.03
CA LEU A 343 -2.40 -38.03 -14.73
C LEU A 343 -1.56 -39.29 -14.67
N THR A 344 -1.06 -39.59 -13.47
CA THR A 344 -0.34 -40.82 -13.15
C THR A 344 -1.23 -41.72 -12.32
N GLU A 345 -0.88 -43.01 -12.29
CA GLU A 345 -1.64 -44.02 -11.54
C GLU A 345 -1.94 -43.51 -10.13
N GLY A 346 -3.14 -43.83 -9.65
CA GLY A 346 -3.58 -43.36 -8.35
C GLY A 346 -4.11 -41.95 -8.33
N GLN A 347 -4.18 -41.28 -9.48
CA GLN A 347 -4.83 -39.99 -9.61
C GLN A 347 -6.15 -40.15 -10.36
N THR A 348 -7.13 -39.32 -10.03
CA THR A 348 -8.32 -39.20 -10.86
C THR A 348 -8.58 -37.74 -11.16
N ALA A 349 -9.33 -37.49 -12.22
CA ALA A 349 -9.70 -36.15 -12.59
C ALA A 349 -10.53 -35.44 -11.53
N ASN A 350 -10.98 -36.15 -10.48
CA ASN A 350 -11.88 -35.60 -9.47
C ASN A 350 -11.35 -35.80 -8.05
N ASP A 351 -10.04 -35.88 -7.89
CA ASP A 351 -9.46 -35.98 -6.55
C ASP A 351 -9.82 -34.78 -5.69
N PRO A 352 -9.91 -34.94 -4.37
CA PRO A 352 -10.15 -33.79 -3.50
C PRO A 352 -9.02 -32.78 -3.62
N LEU A 353 -9.38 -31.52 -3.47
CA LEU A 353 -8.39 -30.45 -3.48
C LEU A 353 -8.23 -29.95 -2.05
N TYR A 354 -7.02 -30.09 -1.52
CA TYR A 354 -6.69 -29.61 -0.18
C TYR A 354 -6.24 -28.16 -0.33
N VAL A 355 -7.23 -27.26 -0.40
CA VAL A 355 -7.02 -25.86 -0.78
C VAL A 355 -7.10 -24.99 0.46
N LEU A 356 -6.11 -24.13 0.64
CA LEU A 356 -5.98 -23.29 1.81
C LEU A 356 -5.70 -21.86 1.41
N PRO A 357 -6.18 -20.90 2.19
CA PRO A 357 -5.85 -19.49 1.96
C PRO A 357 -4.53 -19.11 2.61
N LEU A 358 -3.90 -18.07 2.06
CA LEU A 358 -2.68 -17.51 2.67
C LEU A 358 -2.66 -16.01 2.39
N TYR A 359 -2.94 -15.22 3.43
CA TYR A 359 -2.84 -13.76 3.37
C TYR A 359 -2.58 -13.18 4.75
N SER A 360 -2.15 -11.92 4.77
CA SER A 360 -1.57 -11.33 5.99
C SER A 360 -2.60 -11.21 7.12
N LEU A 361 -3.87 -10.97 6.81
CA LEU A 361 -4.88 -10.87 7.87
C LEU A 361 -5.31 -12.21 8.43
N LEU A 362 -4.79 -13.31 7.89
CA LEU A 362 -5.23 -14.64 8.29
C LEU A 362 -4.77 -14.94 9.72
N PRO A 363 -5.62 -15.56 10.55
CA PRO A 363 -5.15 -15.97 11.90
C PRO A 363 -3.97 -16.90 11.79
N THR A 364 -3.11 -16.83 12.80
CA THR A 364 -1.80 -17.47 12.77
C THR A 364 -1.91 -18.98 12.63
N LYS A 365 -2.75 -19.60 13.46
CA LYS A 365 -2.90 -21.05 13.41
C LYS A 365 -3.35 -21.52 12.04
N GLU A 366 -4.24 -20.75 11.39
CA GLU A 366 -4.68 -21.12 10.06
C GLU A 366 -3.56 -20.92 9.04
N GLN A 367 -2.76 -19.87 9.23
CA GLN A 367 -1.71 -19.60 8.26
C GLN A 367 -0.61 -20.65 8.34
N MET A 368 -0.48 -21.33 9.48
CA MET A 368 0.49 -22.43 9.56
C MET A 368 0.05 -23.69 8.80
N ARG A 369 -1.22 -23.83 8.44
CA ARG A 369 -1.66 -25.06 7.76
C ARG A 369 -0.98 -25.26 6.41
N VAL A 370 -0.46 -24.20 5.78
CA VAL A 370 0.05 -24.28 4.40
C VAL A 370 1.37 -25.03 4.28
N PHE A 371 2.06 -25.33 5.38
CA PHE A 371 3.31 -26.06 5.28
C PHE A 371 3.15 -27.56 5.48
N GLN A 372 1.97 -28.02 5.87
CA GLN A 372 1.76 -29.44 6.12
C GLN A 372 1.43 -30.17 4.82
N LYS A 373 1.78 -31.44 4.77
CA LYS A 373 1.53 -32.25 3.59
C LYS A 373 0.02 -32.46 3.41
N PRO A 374 -0.45 -32.43 2.17
CA PRO A 374 -1.85 -32.75 1.92
C PRO A 374 -2.13 -34.23 2.24
N PRO A 375 -3.34 -34.53 2.69
CA PRO A 375 -3.71 -35.95 2.85
C PRO A 375 -3.51 -36.71 1.55
N GLN A 376 -3.21 -37.99 1.69
CA GLN A 376 -2.95 -38.86 0.55
C GLN A 376 -4.17 -38.92 -0.37
N GLY A 377 -3.92 -38.92 -1.67
CA GLY A 377 -4.99 -38.90 -2.63
C GLY A 377 -5.61 -37.55 -2.87
N SER A 378 -5.08 -36.49 -2.27
CA SER A 378 -5.53 -35.13 -2.55
C SER A 378 -4.36 -34.30 -3.03
N ARG A 379 -4.66 -33.12 -3.58
CA ARG A 379 -3.62 -32.21 -4.05
C ARG A 379 -3.68 -30.92 -3.28
N LEU A 380 -2.50 -30.40 -2.91
CA LEU A 380 -2.41 -29.15 -2.17
C LEU A 380 -2.57 -27.97 -3.11
N CYS A 381 -3.38 -27.00 -2.69
CA CYS A 381 -3.55 -25.75 -3.43
C CYS A 381 -3.54 -24.60 -2.43
N ILE A 382 -2.58 -23.71 -2.57
CA ILE A 382 -2.46 -22.52 -1.74
C ILE A 382 -2.90 -21.31 -2.58
N VAL A 383 -3.93 -20.62 -2.13
CA VAL A 383 -4.41 -19.40 -2.79
C VAL A 383 -3.90 -18.24 -1.95
N ALA A 384 -2.94 -17.50 -2.48
CA ALA A 384 -2.10 -16.61 -1.69
C ALA A 384 -2.05 -15.22 -2.34
N THR A 385 -1.63 -14.23 -1.54
CA THR A 385 -1.12 -12.98 -2.05
C THR A 385 0.36 -13.12 -2.31
N ASN A 386 1.01 -12.01 -2.69
CA ASN A 386 2.43 -12.03 -2.91
C ASN A 386 3.22 -12.23 -1.57
N VAL A 387 2.57 -12.43 -0.41
CA VAL A 387 3.31 -12.91 0.76
C VAL A 387 4.07 -14.18 0.41
N ALA A 388 3.54 -14.96 -0.55
CA ALA A 388 4.19 -16.19 -0.99
C ALA A 388 5.11 -15.97 -2.18
N GLU A 389 5.49 -14.73 -2.44
CA GLU A 389 6.34 -14.49 -3.62
C GLU A 389 7.81 -14.70 -3.31
N THR A 390 8.34 -14.02 -2.29
CA THR A 390 9.71 -14.23 -1.86
C THR A 390 9.87 -14.49 -0.37
N SER A 391 8.84 -14.30 0.46
CA SER A 391 9.07 -14.26 1.90
C SER A 391 9.04 -15.64 2.56
N LEU A 392 8.52 -16.65 1.88
CA LEU A 392 8.46 -18.03 2.41
C LEU A 392 8.26 -18.96 1.22
N THR A 393 8.36 -20.26 1.47
CA THR A 393 8.30 -21.28 0.44
C THR A 393 7.32 -22.38 0.85
N ILE A 394 6.35 -22.68 -0.02
CA ILE A 394 5.44 -23.80 0.14
C ILE A 394 6.09 -25.05 -0.43
N PRO A 395 6.26 -26.11 0.35
CA PRO A 395 6.87 -27.35 -0.18
C PRO A 395 6.04 -27.98 -1.29
N GLY A 396 6.74 -28.56 -2.27
CA GLY A 396 6.12 -29.36 -3.30
C GLY A 396 5.36 -28.59 -4.36
N VAL A 397 5.52 -27.27 -4.47
CA VAL A 397 4.82 -26.52 -5.51
C VAL A 397 5.39 -26.88 -6.88
N ARG A 398 4.53 -27.40 -7.76
CA ARG A 398 4.94 -27.66 -9.13
C ARG A 398 4.27 -26.71 -10.12
N TYR A 399 3.14 -26.12 -9.76
CA TYR A 399 2.38 -25.25 -10.65
C TYR A 399 2.09 -23.92 -9.97
N VAL A 400 2.38 -22.84 -10.67
CA VAL A 400 2.04 -21.50 -10.20
C VAL A 400 1.00 -20.92 -11.16
N VAL A 401 -0.05 -20.33 -10.59
CA VAL A 401 -1.04 -19.59 -11.37
C VAL A 401 -0.89 -18.11 -10.98
N ASP A 402 -0.53 -17.28 -11.95
CA ASP A 402 -0.16 -15.90 -11.66
C ASP A 402 -1.17 -14.95 -12.30
N SER A 403 -1.96 -14.28 -11.47
CA SER A 403 -2.79 -13.19 -11.98
C SER A 403 -1.94 -12.02 -12.48
N GLY A 404 -0.67 -11.93 -12.07
CA GLY A 404 0.18 -10.86 -12.55
C GLY A 404 -0.05 -9.55 -11.85
N ARG A 405 -0.85 -9.54 -10.80
CA ARG A 405 -1.30 -8.31 -10.19
C ARG A 405 -0.98 -8.32 -8.69
N SER A 406 -1.02 -7.14 -8.12
CA SER A 406 -0.99 -7.01 -6.67
C SER A 406 -1.56 -5.66 -6.27
N LYS A 407 -1.89 -5.58 -4.99
CA LYS A 407 -2.34 -4.37 -4.34
C LYS A 407 -1.12 -3.64 -3.76
N GLU A 408 -0.87 -2.41 -4.21
CA GLU A 408 0.28 -1.65 -3.74
C GLU A 408 -0.14 -0.22 -3.43
N ARG A 409 0.64 0.40 -2.55
CA ARG A 409 0.49 1.83 -2.27
C ARG A 409 0.83 2.65 -3.51
N LYS A 410 0.01 3.68 -3.79
CA LYS A 410 0.19 4.61 -4.89
C LYS A 410 0.01 6.03 -4.40
N TYR A 411 0.81 6.95 -4.93
CA TYR A 411 0.68 8.35 -4.64
C TYR A 411 0.42 9.09 -5.94
N ASN A 412 -0.73 9.74 -6.03
CA ASN A 412 -1.07 10.55 -7.18
C ASN A 412 -0.49 11.95 -6.97
N GLU A 413 0.53 12.30 -7.77
CA GLU A 413 1.20 13.59 -7.60
C GLU A 413 0.29 14.75 -7.96
N SER A 414 -0.63 14.57 -8.93
CA SER A 414 -1.41 15.72 -9.38
C SER A 414 -2.45 16.16 -8.36
N ASN A 415 -2.93 15.26 -7.49
CA ASN A 415 -3.94 15.65 -6.53
C ASN A 415 -3.63 15.30 -5.08
N GLY A 416 -2.44 14.79 -4.77
CA GLY A 416 -2.08 14.50 -3.40
C GLY A 416 -2.82 13.34 -2.76
N VAL A 417 -3.36 12.42 -3.55
CA VAL A 417 -4.13 11.31 -3.00
C VAL A 417 -3.24 10.08 -2.90
N GLN A 418 -3.06 9.58 -1.68
CA GLN A 418 -2.46 8.27 -1.47
C GLN A 418 -3.57 7.23 -1.44
N SER A 419 -3.37 6.13 -2.15
CA SER A 419 -4.35 5.06 -2.11
C SER A 419 -3.64 3.72 -2.28
N PHE A 420 -4.42 2.64 -2.27
CA PHE A 420 -3.89 1.27 -2.35
C PHE A 420 -4.65 0.55 -3.44
N GLU A 421 -3.97 0.25 -4.54
CA GLU A 421 -4.61 -0.12 -5.80
C GLU A 421 -4.07 -1.45 -6.29
N VAL A 422 -4.97 -2.20 -6.93
CA VAL A 422 -4.61 -3.40 -7.68
C VAL A 422 -4.12 -2.97 -9.07
N GLY A 423 -2.94 -3.48 -9.46
CA GLY A 423 -2.37 -3.22 -10.77
C GLY A 423 -1.31 -4.27 -11.08
N TRP A 424 -0.77 -4.17 -12.30
CA TRP A 424 0.29 -5.08 -12.73
C TRP A 424 1.49 -5.02 -11.77
N VAL A 425 2.09 -6.19 -11.52
CA VAL A 425 3.35 -6.23 -10.80
C VAL A 425 4.48 -5.92 -11.77
N SER A 426 5.69 -5.80 -11.26
CA SER A 426 6.84 -5.64 -12.12
C SER A 426 7.23 -6.98 -12.74
N LYS A 427 8.07 -6.91 -13.79
CA LYS A 427 8.64 -8.12 -14.38
C LYS A 427 9.45 -8.88 -13.34
N ALA A 428 10.18 -8.16 -12.49
CA ALA A 428 10.96 -8.81 -11.45
C ALA A 428 10.06 -9.64 -10.55
N SER A 429 8.94 -9.06 -10.11
CA SER A 429 7.99 -9.78 -9.28
C SER A 429 7.36 -10.95 -10.03
N ALA A 430 7.01 -10.76 -11.32
CA ALA A 430 6.44 -11.88 -12.06
C ALA A 430 7.43 -13.05 -12.12
N ASN A 431 8.70 -12.76 -12.38
CA ASN A 431 9.68 -13.82 -12.48
C ASN A 431 9.90 -14.48 -11.11
N GLN A 432 9.81 -13.69 -10.03
CA GLN A 432 9.93 -14.27 -8.70
C GLN A 432 8.75 -15.21 -8.39
N ARG A 433 7.54 -14.85 -8.84
CA ARG A 433 6.38 -15.74 -8.71
C ARG A 433 6.58 -17.04 -9.48
N SER A 434 6.95 -16.94 -10.75
CA SER A 434 7.23 -18.14 -11.55
C SER A 434 8.22 -19.05 -10.83
N GLY A 435 9.31 -18.48 -10.32
CA GLY A 435 10.36 -19.29 -9.70
C GLY A 435 9.87 -20.23 -8.59
N ARG A 436 8.73 -19.91 -7.97
CA ARG A 436 8.28 -20.79 -6.90
C ARG A 436 7.87 -22.15 -7.43
N ALA A 437 7.64 -22.28 -8.73
CA ALA A 437 7.36 -23.60 -9.30
C ALA A 437 8.63 -24.42 -9.56
N GLY A 438 9.81 -23.90 -9.22
CA GLY A 438 11.05 -24.60 -9.55
C GLY A 438 11.93 -25.00 -8.38
N ARG A 439 11.35 -25.16 -7.19
CA ARG A 439 12.16 -25.44 -6.02
C ARG A 439 12.44 -26.91 -5.83
N THR A 440 11.46 -27.78 -6.10
CA THR A 440 11.66 -29.20 -5.89
C THR A 440 11.98 -29.95 -7.18
N GLY A 441 11.56 -29.43 -8.33
CA GLY A 441 11.74 -30.09 -9.61
C GLY A 441 11.27 -29.19 -10.72
N PRO A 442 11.46 -29.59 -11.98
CA PRO A 442 10.97 -28.76 -13.09
C PRO A 442 9.47 -28.55 -12.99
N GLY A 443 9.02 -27.33 -13.30
CA GLY A 443 7.62 -27.02 -13.13
C GLY A 443 7.02 -26.06 -14.13
N HIS A 444 5.87 -25.50 -13.79
CA HIS A 444 5.11 -24.72 -14.75
C HIS A 444 4.53 -23.49 -14.09
N CYS A 445 4.53 -22.40 -14.83
CA CYS A 445 3.89 -21.17 -14.39
C CYS A 445 2.94 -20.71 -15.48
N TYR A 446 1.68 -20.48 -15.10
CA TYR A 446 0.61 -20.12 -16.02
C TYR A 446 0.27 -18.67 -15.72
N ARG A 447 0.68 -17.79 -16.64
CA ARG A 447 0.45 -16.36 -16.45
C ARG A 447 -0.89 -16.03 -17.12
N LEU A 448 -1.75 -15.37 -16.37
CA LEU A 448 -3.09 -15.04 -16.87
C LEU A 448 -3.09 -13.75 -17.67
N TYR A 449 -2.06 -13.55 -18.46
CA TYR A 449 -1.89 -12.34 -19.26
C TYR A 449 -1.00 -12.70 -20.43
N SER A 450 -1.02 -11.83 -21.45
CA SER A 450 -0.30 -12.18 -22.66
C SER A 450 1.18 -11.78 -22.57
N SER A 451 1.97 -12.38 -23.47
CA SER A 451 3.36 -11.96 -23.60
C SER A 451 3.46 -10.49 -24.02
N ALA A 452 2.51 -10.01 -24.82
CA ALA A 452 2.53 -8.61 -25.23
C ALA A 452 2.29 -7.68 -24.05
N VAL A 453 1.26 -7.97 -23.24
CA VAL A 453 0.97 -7.13 -22.09
C VAL A 453 2.14 -7.17 -21.09
N PHE A 454 2.72 -8.35 -20.87
CA PHE A 454 3.88 -8.47 -20.01
C PHE A 454 5.01 -7.57 -20.48
N GLU A 455 5.32 -7.61 -21.79
CA GLU A 455 6.39 -6.81 -22.33
C GLU A 455 6.11 -5.33 -22.17
N HIS A 456 4.90 -4.91 -22.54
N HIS A 456 4.92 -4.88 -22.52
CA HIS A 456 4.57 -3.50 -22.73
CA HIS A 456 4.70 -3.46 -22.69
C HIS A 456 4.22 -2.81 -21.41
C HIS A 456 4.12 -2.75 -21.46
N ASP A 457 3.41 -3.46 -20.57
CA ASP A 457 2.83 -2.81 -19.41
C ASP A 457 3.34 -3.30 -18.05
N PHE A 458 4.18 -4.32 -17.98
CA PHE A 458 4.82 -4.66 -16.71
C PHE A 458 6.12 -3.88 -16.65
N GLU A 459 6.27 -3.03 -15.66
CA GLU A 459 7.53 -2.33 -15.51
C GLU A 459 8.63 -3.31 -15.10
N GLN A 460 9.85 -3.01 -15.54
CA GLN A 460 10.96 -3.92 -15.30
C GLN A 460 11.14 -4.17 -13.80
N PHE A 461 11.22 -3.10 -13.03
CA PHE A 461 11.41 -3.17 -11.59
C PHE A 461 10.32 -2.39 -10.89
N SER A 462 9.92 -2.86 -9.72
CA SER A 462 8.95 -2.13 -8.92
C SER A 462 9.64 -0.98 -8.19
N LYS A 463 8.91 0.14 -8.02
CA LYS A 463 9.45 1.32 -7.38
C LYS A 463 9.49 1.12 -5.87
N PRO A 464 10.59 1.51 -5.22
CA PRO A 464 10.64 1.48 -3.76
C PRO A 464 9.50 2.29 -3.16
N GLU A 465 8.96 1.78 -2.06
CA GLU A 465 7.75 2.37 -1.50
C GLU A 465 7.96 3.82 -1.11
N ILE A 466 9.21 4.24 -0.82
CA ILE A 466 9.44 5.62 -0.41
C ILE A 466 9.10 6.56 -1.56
N LEU A 467 9.19 6.08 -2.81
CA LEU A 467 8.83 6.82 -4.01
C LEU A 467 7.34 6.75 -4.34
N ARG A 468 6.55 6.05 -3.54
CA ARG A 468 5.12 5.90 -3.78
C ARG A 468 4.31 6.47 -2.61
N MET A 469 4.89 7.47 -1.92
CA MET A 469 4.32 8.07 -0.73
C MET A 469 4.34 9.59 -0.84
N PRO A 470 3.32 10.28 -0.32
CA PRO A 470 3.49 11.70 -0.02
C PRO A 470 4.70 11.85 0.89
N VAL A 471 5.56 12.81 0.57
CA VAL A 471 6.74 13.02 1.41
C VAL A 471 6.31 13.40 2.83
N GLU A 472 5.15 14.06 2.97
CA GLU A 472 4.72 14.39 4.32
C GLU A 472 4.32 13.14 5.08
N SER A 473 3.90 12.09 4.38
CA SER A 473 3.66 10.83 5.06
C SER A 473 4.97 10.19 5.53
N ILE A 474 6.02 10.27 4.71
CA ILE A 474 7.31 9.76 5.13
C ILE A 474 7.75 10.45 6.39
N VAL A 475 7.65 11.79 6.38
CA VAL A 475 8.11 12.57 7.53
C VAL A 475 7.26 12.26 8.76
N LEU A 476 5.93 12.20 8.59
CA LEU A 476 5.07 11.91 9.72
C LEU A 476 5.36 10.54 10.32
N GLN A 477 5.64 9.54 9.49
CA GLN A 477 5.93 8.22 10.03
C GLN A 477 7.23 8.22 10.81
N MET A 478 8.28 8.80 10.23
CA MET A 478 9.54 8.90 10.98
C MET A 478 9.33 9.65 12.29
N LYS A 479 8.56 10.74 12.26
CA LYS A 479 8.36 11.51 13.48
C LYS A 479 7.55 10.75 14.51
N SER A 480 6.60 9.94 14.06
CA SER A 480 5.88 9.10 15.02
C SER A 480 6.80 8.06 15.63
N MET A 481 7.93 7.76 14.96
N MET A 481 7.94 7.78 14.98
CA MET A 481 8.93 6.89 15.54
CA MET A 481 8.97 6.90 15.52
C MET A 481 10.04 7.68 16.26
C MET A 481 10.02 7.66 16.32
N ALA A 482 9.77 8.95 16.59
CA ALA A 482 10.70 9.81 17.34
C ALA A 482 12.08 9.90 16.69
N ILE A 483 12.10 9.91 15.36
CA ILE A 483 13.32 10.15 14.61
C ILE A 483 13.42 11.66 14.39
N HIS A 484 14.44 12.28 15.00
CA HIS A 484 14.48 13.74 15.07
C HIS A 484 15.04 14.36 13.80
N ASN A 485 16.21 13.87 13.34
CA ASN A 485 16.94 14.50 12.23
C ASN A 485 16.46 13.92 10.91
N ILE A 486 15.47 14.57 10.32
CA ILE A 486 14.92 14.11 9.05
C ILE A 486 15.84 14.52 7.90
N ILE A 487 16.28 15.78 7.90
CA ILE A 487 16.94 16.35 6.73
C ILE A 487 18.19 15.55 6.38
N ASN A 488 18.93 15.11 7.39
CA ASN A 488 20.19 14.39 7.21
C ASN A 488 20.03 12.89 7.43
N PHE A 489 18.80 12.37 7.41
CA PHE A 489 18.60 10.97 7.67
C PHE A 489 19.23 10.14 6.54
N PRO A 490 20.01 9.13 6.86
CA PRO A 490 20.62 8.30 5.80
C PRO A 490 19.67 7.35 5.10
N PHE A 491 18.78 7.86 4.25
CA PHE A 491 17.88 7.00 3.48
C PHE A 491 18.66 6.14 2.48
N PRO A 492 18.25 4.88 2.27
CA PRO A 492 18.73 4.18 1.07
C PRO A 492 18.47 5.00 -0.19
N THR A 493 17.22 5.44 -0.39
CA THR A 493 16.82 6.31 -1.50
C THR A 493 16.29 7.61 -0.91
N PRO A 494 17.08 8.67 -0.87
CA PRO A 494 16.68 9.90 -0.16
C PRO A 494 15.73 10.75 -0.99
N PRO A 495 14.63 11.22 -0.42
CA PRO A 495 13.91 12.34 -1.03
C PRO A 495 14.76 13.60 -0.98
N ASP A 496 14.43 14.56 -1.83
CA ASP A 496 15.19 15.79 -1.91
C ASP A 496 15.01 16.61 -0.64
N ARG A 497 16.08 17.30 -0.23
CA ARG A 497 16.01 18.12 0.98
C ARG A 497 14.89 19.16 0.87
N VAL A 498 14.69 19.73 -0.32
CA VAL A 498 13.67 20.75 -0.48
C VAL A 498 12.29 20.18 -0.19
N ALA A 499 11.98 19.03 -0.80
CA ALA A 499 10.70 18.37 -0.52
C ALA A 499 10.57 18.01 0.96
N LEU A 500 11.66 17.59 1.60
CA LEU A 500 11.57 17.25 3.02
C LEU A 500 11.23 18.46 3.88
N SER A 501 11.88 19.60 3.60
CA SER A 501 11.62 20.83 4.35
C SER A 501 10.18 21.25 4.15
N LYS A 502 9.71 21.19 2.91
CA LYS A 502 8.32 21.55 2.62
C LYS A 502 7.36 20.60 3.32
N ALA A 503 7.72 19.33 3.44
CA ALA A 503 6.82 18.39 4.09
C ALA A 503 6.74 18.66 5.59
N ILE A 504 7.88 18.99 6.21
CA ILE A 504 7.86 19.34 7.61
C ILE A 504 6.99 20.57 7.83
N GLN A 505 7.13 21.57 6.96
CA GLN A 505 6.35 22.79 7.11
C GLN A 505 4.86 22.50 6.95
N LEU A 506 4.50 21.67 5.97
CA LEU A 506 3.12 21.26 5.80
C LEU A 506 2.57 20.61 7.05
N LEU A 507 3.33 19.65 7.63
CA LEU A 507 2.87 18.98 8.83
C LEU A 507 2.69 19.97 9.98
N GLN A 508 3.48 21.05 9.99
CA GLN A 508 3.29 22.09 10.99
C GLN A 508 2.00 22.86 10.74
N TYR A 509 1.71 23.21 9.48
CA TYR A 509 0.44 23.85 9.18
C TYR A 509 -0.74 22.98 9.58
N LEU A 510 -0.57 21.65 9.48
CA LEU A 510 -1.60 20.70 9.88
C LEU A 510 -1.60 20.45 11.38
N GLY A 511 -0.67 21.04 12.13
CA GLY A 511 -0.62 20.77 13.55
C GLY A 511 -0.22 19.35 13.90
N ALA A 512 0.41 18.63 12.97
CA ALA A 512 0.92 17.30 13.24
C ALA A 512 2.33 17.36 13.82
N LEU A 513 3.05 18.43 13.57
CA LEU A 513 4.33 18.71 14.19
C LEU A 513 4.23 20.06 14.88
N ASP A 514 4.92 20.22 16.00
CA ASP A 514 4.87 21.47 16.74
C ASP A 514 5.99 22.39 16.26
N ASN A 515 6.24 23.46 17.01
CA ASN A 515 7.24 24.45 16.61
C ASN A 515 8.66 23.94 16.75
N LYS A 516 8.88 22.85 17.49
CA LYS A 516 10.20 22.25 17.49
C LYS A 516 10.24 20.98 16.65
N GLU A 517 9.30 20.82 15.71
CA GLU A 517 9.28 19.76 14.70
C GLU A 517 9.11 18.39 15.31
N MET A 518 8.49 18.33 16.48
CA MET A 518 8.18 17.05 17.11
C MET A 518 6.70 16.75 16.95
N ILE A 519 6.38 15.46 16.96
CA ILE A 519 5.01 15.06 16.66
C ILE A 519 4.10 15.46 17.81
N THR A 520 2.93 15.97 17.47
CA THR A 520 1.90 16.28 18.43
C THR A 520 1.01 15.06 18.61
N GLU A 521 0.11 15.12 19.58
CA GLU A 521 -0.86 14.04 19.79
C GLU A 521 -1.76 13.86 18.57
N ASP A 522 -2.27 14.97 18.02
CA ASP A 522 -3.02 14.89 16.77
C ASP A 522 -2.17 14.34 15.65
N GLY A 523 -0.87 14.66 15.65
CA GLY A 523 0.05 14.04 14.70
C GLY A 523 0.07 12.53 14.77
N LYS A 524 0.12 11.98 15.99
CA LYS A 524 0.14 10.52 16.15
C LYS A 524 -1.16 9.92 15.62
N LYS A 525 -2.28 10.53 16.00
CA LYS A 525 -3.56 10.06 15.49
C LYS A 525 -3.58 10.09 13.95
N MET A 526 -3.06 11.16 13.35
CA MET A 526 -3.04 11.22 11.89
C MET A 526 -2.17 10.11 11.33
N SER A 527 -1.03 9.85 11.98
CA SER A 527 -0.12 8.80 11.51
C SER A 527 -0.80 7.43 11.52
N LEU A 528 -1.86 7.27 12.31
CA LEU A 528 -2.62 6.02 12.29
C LEU A 528 -3.45 5.80 11.03
N PHE A 529 -3.66 6.84 10.19
CA PHE A 529 -4.54 6.68 9.03
C PHE A 529 -3.76 6.38 7.76
N PRO A 530 -4.27 5.53 6.87
CA PRO A 530 -3.57 5.25 5.62
C PRO A 530 -3.75 6.31 4.53
N LEU A 531 -4.29 7.48 4.84
CA LEU A 531 -4.54 8.54 3.86
C LEU A 531 -3.45 9.61 3.92
N SER A 532 -3.41 10.45 2.89
CA SER A 532 -2.52 11.60 2.92
C SER A 532 -2.90 12.50 4.09
N PRO A 533 -1.92 13.13 4.73
CA PRO A 533 -2.20 13.82 6.00
C PRO A 533 -3.22 14.94 5.92
N ARG A 534 -3.40 15.61 4.79
CA ARG A 534 -4.44 16.66 4.73
C ARG A 534 -5.82 16.04 5.00
N PHE A 535 -6.08 14.88 4.38
CA PHE A 535 -7.34 14.19 4.60
C PHE A 535 -7.43 13.62 6.01
N SER A 536 -6.36 12.99 6.51
CA SER A 536 -6.34 12.49 7.88
C SER A 536 -6.68 13.59 8.88
N LYS A 537 -6.14 14.79 8.66
CA LYS A 537 -6.45 15.91 9.54
C LYS A 537 -7.92 16.27 9.49
N MET A 538 -8.49 16.32 8.27
CA MET A 538 -9.91 16.65 8.17
C MET A 538 -10.78 15.61 8.88
N LEU A 539 -10.42 14.33 8.80
CA LEU A 539 -11.21 13.32 9.51
C LEU A 539 -11.06 13.42 11.03
N LEU A 540 -9.88 13.78 11.52
CA LEU A 540 -9.65 13.82 12.95
C LEU A 540 -10.50 14.91 13.64
N VAL A 541 -10.50 16.13 13.08
CA VAL A 541 -11.18 17.26 13.69
C VAL A 541 -12.67 17.23 13.38
N SER A 542 -13.15 16.12 12.82
CA SER A 542 -14.49 16.07 12.25
C SER A 542 -15.55 15.48 13.18
N ASP A 543 -15.17 14.90 14.31
CA ASP A 543 -16.14 14.17 15.14
C ASP A 543 -16.85 15.11 16.10
N GLU A 544 -17.63 16.03 15.52
CA GLU A 544 -18.44 16.97 16.30
C GLU A 544 -19.74 17.23 15.55
N LYS A 545 -20.85 17.25 16.29
CA LYS A 545 -22.17 17.60 15.75
C LYS A 545 -22.59 16.71 14.58
N ALA A 546 -22.26 15.42 14.67
CA ALA A 546 -22.65 14.43 13.66
C ALA A 546 -22.14 14.81 12.27
N CYS A 547 -20.97 15.45 12.21
CA CYS A 547 -20.41 15.91 10.96
C CYS A 547 -19.49 14.89 10.29
N LEU A 548 -19.07 13.85 11.01
CA LEU A 548 -18.16 12.86 10.43
C LEU A 548 -18.64 12.28 9.11
N PRO A 549 -19.90 11.86 8.94
CA PRO A 549 -20.32 11.31 7.64
C PRO A 549 -20.17 12.27 6.48
N TYR A 550 -20.44 13.57 6.70
CA TYR A 550 -20.30 14.53 5.63
C TYR A 550 -18.86 14.66 5.19
N ILE A 551 -17.94 14.68 6.15
CA ILE A 551 -16.52 14.73 5.84
C ILE A 551 -16.09 13.47 5.14
N VAL A 552 -16.65 12.33 5.52
CA VAL A 552 -16.27 11.09 4.86
C VAL A 552 -16.70 11.13 3.40
N ALA A 553 -17.93 11.59 3.15
CA ALA A 553 -18.39 11.77 1.77
C ALA A 553 -17.48 12.73 1.01
N ILE A 554 -17.09 13.84 1.65
CA ILE A 554 -16.28 14.84 0.97
C ILE A 554 -14.88 14.30 0.66
N VAL A 555 -14.23 13.71 1.65
CA VAL A 555 -12.92 13.11 1.42
C VAL A 555 -13.01 12.06 0.32
N SER A 556 -14.06 11.23 0.33
CA SER A 556 -14.13 10.20 -0.71
C SER A 556 -14.28 10.84 -2.08
N ALA A 557 -15.17 11.84 -2.21
CA ALA A 557 -15.38 12.49 -3.50
C ALA A 557 -14.09 13.15 -3.98
N LEU A 558 -13.42 13.91 -3.12
CA LEU A 558 -12.13 14.48 -3.50
C LEU A 558 -11.12 13.41 -3.90
N SER A 559 -11.17 12.23 -3.25
CA SER A 559 -10.18 11.20 -3.56
C SER A 559 -10.44 10.56 -4.92
N VAL A 560 -11.71 10.42 -5.29
CA VAL A 560 -12.07 9.75 -6.54
C VAL A 560 -11.96 10.70 -7.71
N GLY A 561 -12.56 11.89 -7.58
CA GLY A 561 -12.46 12.94 -8.58
C GLY A 561 -13.82 13.53 -8.91
N ASP A 562 -13.78 14.55 -9.75
CA ASP A 562 -14.94 15.34 -10.10
C ASP A 562 -15.94 14.51 -10.91
N PRO A 563 -17.07 14.12 -10.32
CA PRO A 563 -18.08 13.38 -11.08
C PRO A 563 -18.92 14.26 -12.00
N PHE A 564 -18.72 15.58 -11.99
CA PHE A 564 -19.53 16.52 -12.78
C PHE A 564 -18.96 16.68 -14.18
N ILE A 565 -19.72 16.26 -15.20
CA ILE A 565 -19.39 16.64 -16.56
C ILE A 565 -19.77 18.11 -16.78
N ASN A 566 -18.84 18.91 -17.31
CA ASN A 566 -19.08 20.35 -17.40
C ASN A 566 -19.52 20.76 -18.81
N GLU A 567 -19.97 22.02 -18.94
CA GLU A 567 -20.50 22.50 -20.19
CA GLU A 567 -20.48 22.54 -20.21
C GLU A 567 -19.49 22.36 -21.33
N PHE A 568 -18.22 22.68 -21.06
CA PHE A 568 -17.21 22.64 -22.10
C PHE A 568 -16.97 21.22 -22.58
N GLU A 569 -16.97 20.26 -21.65
CA GLU A 569 -16.86 18.86 -22.04
C GLU A 569 -18.10 18.39 -22.80
N LEU A 570 -19.25 18.94 -22.48
CA LEU A 570 -20.46 18.60 -23.22
C LEU A 570 -20.50 19.25 -24.60
N GLY A 571 -19.60 20.20 -24.86
CA GLY A 571 -19.62 20.96 -26.11
C GLY A 571 -20.88 21.77 -26.30
N ILE A 572 -21.29 22.50 -25.27
CA ILE A 572 -22.57 23.21 -25.27
C ILE A 572 -22.39 24.60 -24.70
N ASN A 573 -21.15 24.96 -24.37
CA ASN A 573 -20.82 26.30 -23.94
C ASN A 573 -21.20 27.34 -25.00
N GLU A 574 -21.76 28.47 -24.55
CA GLU A 574 -22.07 29.59 -25.45
C GLU A 574 -20.79 30.33 -25.81
N ILE A 575 -19.97 30.60 -24.80
CA ILE A 575 -18.74 31.40 -24.89
C ILE A 575 -17.55 30.47 -24.69
N SER A 576 -16.44 30.81 -25.34
CA SER A 576 -15.24 29.98 -25.28
C SER A 576 -14.70 29.88 -23.85
N ARG A 577 -14.00 28.78 -23.57
CA ARG A 577 -13.40 28.58 -22.25
C ARG A 577 -12.39 29.68 -21.94
N LYS A 578 -11.55 30.02 -22.92
CA LYS A 578 -10.52 31.03 -22.84
C LYS A 578 -10.87 32.22 -23.72
N PRO A 579 -10.61 33.44 -23.27
CA PRO A 579 -11.06 34.63 -24.03
C PRO A 579 -10.19 35.01 -25.23
N ASN A 580 -9.05 34.36 -25.43
CA ASN A 580 -8.14 34.80 -26.49
C ASN A 580 -8.70 34.44 -27.87
N PRO A 581 -8.61 35.34 -28.84
CA PRO A 581 -9.31 35.17 -30.13
C PRO A 581 -8.48 34.44 -31.17
N ASP A 582 -8.09 33.20 -30.87
CA ASP A 582 -7.21 32.42 -31.73
C ASP A 582 -7.82 31.09 -32.14
N GLU A 583 -7.49 30.70 -33.38
CA GLU A 583 -7.93 29.53 -34.15
C GLU A 583 -9.11 29.97 -35.02
N ASN A 584 -9.86 29.02 -35.56
CA ASN A 584 -10.99 29.33 -36.41
C ASN A 584 -12.24 28.55 -35.98
N MET A 599 -31.48 21.84 -35.33
CA MET A 599 -31.26 20.64 -34.53
C MET A 599 -30.17 20.90 -33.52
N ASP A 600 -28.92 20.80 -33.98
CA ASP A 600 -27.77 21.08 -33.12
C ASP A 600 -27.91 22.39 -32.33
N PRO A 601 -28.31 23.53 -32.93
CA PRO A 601 -28.48 24.76 -32.11
C PRO A 601 -29.62 24.70 -31.11
N GLU A 602 -30.82 24.32 -31.57
CA GLU A 602 -31.96 24.20 -30.67
C GLU A 602 -31.72 23.15 -29.60
N LEU A 603 -31.18 21.99 -30.00
CA LEU A 603 -30.88 20.93 -29.04
C LEU A 603 -29.85 21.40 -28.03
N LYS A 604 -28.84 22.15 -28.46
CA LYS A 604 -27.84 22.65 -27.54
C LYS A 604 -28.47 23.59 -26.52
N LYS A 605 -29.41 24.43 -26.95
CA LYS A 605 -30.04 25.33 -25.99
C LYS A 605 -30.88 24.57 -24.97
N GLU A 606 -31.59 23.54 -25.41
CA GLU A 606 -32.35 22.75 -24.46
C GLU A 606 -31.43 21.96 -23.50
N LEU A 607 -30.30 21.49 -24.02
CA LEU A 607 -29.32 20.84 -23.14
C LEU A 607 -28.82 21.80 -22.08
N ARG A 608 -28.45 23.02 -22.48
CA ARG A 608 -28.01 24.01 -21.50
C ARG A 608 -29.06 24.22 -20.43
N SER A 609 -30.33 24.33 -20.83
CA SER A 609 -31.38 24.51 -19.83
C SER A 609 -31.36 23.39 -18.80
N LYS A 610 -31.43 22.14 -19.26
CA LYS A 610 -31.44 21.02 -18.31
C LYS A 610 -30.16 20.93 -17.51
N PHE A 611 -29.02 21.28 -18.10
CA PHE A 611 -27.75 21.24 -17.40
C PHE A 611 -27.72 22.24 -16.24
N TYR A 612 -28.14 23.49 -16.49
CA TYR A 612 -28.10 24.46 -15.40
C TYR A 612 -29.14 24.16 -14.35
N LYS A 613 -30.27 23.57 -14.73
CA LYS A 613 -31.22 23.11 -13.73
C LYS A 613 -30.61 22.00 -12.87
N SER A 614 -30.00 21.01 -13.51
CA SER A 614 -29.38 19.93 -12.75
C SER A 614 -28.34 20.48 -11.79
N ARG A 615 -27.45 21.35 -12.28
N ARG A 615 -27.48 21.38 -12.26
CA ARG A 615 -26.41 21.94 -11.44
CA ARG A 615 -26.41 21.90 -11.41
C ARG A 615 -27.01 22.68 -10.27
C ARG A 615 -26.96 22.73 -10.27
N SER A 616 -27.98 23.58 -10.53
CA SER A 616 -28.62 24.33 -9.46
C SER A 616 -29.18 23.40 -8.40
N GLN A 617 -29.75 22.27 -8.84
CA GLN A 617 -30.34 21.31 -7.91
C GLN A 617 -29.33 20.79 -6.89
N PHE A 618 -28.02 20.88 -7.14
CA PHE A 618 -27.02 20.48 -6.16
C PHE A 618 -26.28 21.66 -5.53
N SER A 619 -26.82 22.87 -5.65
CA SER A 619 -26.14 24.06 -5.18
C SER A 619 -26.91 24.74 -4.05
N LYS A 620 -27.84 24.02 -3.42
CA LYS A 620 -28.76 24.59 -2.46
CA LYS A 620 -28.76 24.61 -2.46
C LYS A 620 -28.22 24.62 -1.03
N LEU A 621 -27.20 23.82 -0.73
CA LEU A 621 -26.68 23.78 0.65
C LEU A 621 -25.90 25.03 1.00
N ASP A 622 -25.28 25.65 0.00
CA ASP A 622 -24.41 26.79 0.20
C ASP A 622 -24.19 27.40 -1.17
N LYS A 623 -24.04 28.72 -1.19
CA LYS A 623 -24.00 29.45 -2.45
C LYS A 623 -22.59 29.70 -2.93
N PHE A 624 -21.57 29.49 -2.10
CA PHE A 624 -20.21 29.84 -2.46
C PHE A 624 -19.28 28.66 -2.65
N SER A 625 -19.72 27.43 -2.38
CA SER A 625 -18.79 26.35 -2.07
C SER A 625 -18.95 25.19 -3.04
N ASP A 626 -17.96 25.01 -3.90
CA ASP A 626 -17.97 23.89 -4.82
C ASP A 626 -17.97 22.54 -4.11
N VAL A 627 -17.25 22.46 -2.98
CA VAL A 627 -17.15 21.20 -2.24
C VAL A 627 -18.53 20.74 -1.78
N PHE A 628 -19.45 21.67 -1.59
CA PHE A 628 -20.76 21.28 -1.09
C PHE A 628 -21.73 20.91 -2.22
N ARG A 629 -21.51 21.38 -3.43
CA ARG A 629 -22.22 20.73 -4.53
C ARG A 629 -21.71 19.30 -4.71
N LEU A 630 -20.41 19.06 -4.45
CA LEU A 630 -19.91 17.68 -4.46
C LEU A 630 -20.65 16.84 -3.41
N LEU A 631 -20.64 17.31 -2.16
CA LEU A 631 -21.39 16.66 -1.10
C LEU A 631 -22.84 16.43 -1.52
N SER A 632 -23.42 17.38 -2.24
CA SER A 632 -24.83 17.28 -2.61
C SER A 632 -25.08 16.13 -3.59
N VAL A 633 -24.32 16.07 -4.69
CA VAL A 633 -24.56 14.93 -5.59
C VAL A 633 -24.34 13.63 -4.85
N VAL A 634 -23.24 13.54 -4.08
CA VAL A 634 -22.90 12.29 -3.43
C VAL A 634 -24.00 11.88 -2.46
N SER A 635 -24.58 12.85 -1.74
CA SER A 635 -25.69 12.57 -0.85
C SER A 635 -26.92 12.11 -1.61
N ALA A 636 -27.28 12.82 -2.67
CA ALA A 636 -28.43 12.40 -3.49
C ALA A 636 -28.27 10.98 -4.01
N MET A 637 -27.04 10.60 -4.36
CA MET A 637 -26.79 9.28 -4.97
C MET A 637 -27.34 8.14 -4.12
N ASP A 638 -27.32 8.29 -2.79
CA ASP A 638 -27.75 7.20 -1.91
C ASP A 638 -29.26 6.99 -1.90
N TYR A 639 -30.04 7.93 -2.42
CA TYR A 639 -31.49 7.80 -2.48
C TYR A 639 -31.98 7.38 -3.87
N VAL A 640 -31.08 7.16 -4.80
CA VAL A 640 -31.43 6.77 -6.17
C VAL A 640 -31.39 5.25 -6.23
N PRO A 641 -32.54 4.57 -6.32
CA PRO A 641 -32.51 3.11 -6.34
C PRO A 641 -31.82 2.56 -7.58
N LYS A 642 -31.47 1.27 -7.48
CA LYS A 642 -30.58 0.63 -8.44
C LYS A 642 -31.03 0.85 -9.88
N GLU A 643 -32.33 0.78 -10.13
CA GLU A 643 -32.87 0.94 -11.47
C GLU A 643 -32.95 2.38 -11.92
N GLN A 644 -32.55 3.33 -11.08
CA GLN A 644 -32.56 4.74 -11.46
C GLN A 644 -31.19 5.28 -11.78
N LYS A 645 -30.11 4.62 -11.31
CA LYS A 645 -28.75 5.12 -11.45
C LYS A 645 -28.53 5.76 -12.80
N GLU A 646 -28.68 4.97 -13.87
CA GLU A 646 -28.40 5.47 -15.22
C GLU A 646 -29.25 6.70 -15.55
N ILE A 647 -30.58 6.60 -15.37
CA ILE A 647 -31.43 7.77 -15.61
C ILE A 647 -30.91 8.96 -14.80
N PHE A 648 -30.68 8.74 -13.51
CA PHE A 648 -30.09 9.76 -12.66
C PHE A 648 -28.82 10.32 -13.30
N MET A 649 -27.85 9.43 -13.58
CA MET A 649 -26.61 9.84 -14.23
C MET A 649 -26.89 10.66 -15.47
N LYS A 650 -27.69 10.08 -16.38
CA LYS A 650 -27.94 10.74 -17.65
C LYS A 650 -28.62 12.07 -17.44
N LYS A 651 -29.56 12.12 -16.48
CA LYS A 651 -30.33 13.35 -16.32
C LYS A 651 -29.47 14.46 -15.76
N ASN A 652 -28.39 14.10 -15.05
CA ASN A 652 -27.62 15.09 -14.32
C ASN A 652 -26.22 15.28 -14.89
N PHE A 653 -25.94 14.68 -16.05
CA PHE A 653 -24.63 14.75 -16.67
C PHE A 653 -23.52 14.37 -15.68
N LEU A 654 -23.68 13.21 -15.06
CA LEU A 654 -22.74 12.70 -14.07
C LEU A 654 -21.88 11.58 -14.67
N ARG A 655 -20.73 11.32 -14.03
CA ARG A 655 -19.86 10.21 -14.39
C ARG A 655 -20.25 9.08 -13.46
N GLY A 656 -21.15 8.21 -13.95
CA GLY A 656 -21.74 7.18 -13.11
C GLY A 656 -20.71 6.25 -12.49
N LYS A 657 -19.65 5.92 -13.22
CA LYS A 657 -18.63 5.05 -12.65
C LYS A 657 -17.91 5.72 -11.48
N LEU A 658 -17.67 7.04 -11.59
CA LEU A 658 -17.06 7.77 -10.49
C LEU A 658 -18.00 7.82 -9.29
N MET A 659 -19.29 7.98 -9.53
CA MET A 659 -20.26 8.02 -8.44
C MET A 659 -20.31 6.68 -7.70
N GLU A 660 -20.37 5.57 -8.45
CA GLU A 660 -20.35 4.26 -7.82
C GLU A 660 -19.05 4.05 -7.03
N GLU A 661 -17.93 4.48 -7.60
CA GLU A 661 -16.66 4.34 -6.89
C GLU A 661 -16.68 5.13 -5.60
N ILE A 662 -17.33 6.30 -5.61
CA ILE A 662 -17.42 7.11 -4.39
C ILE A 662 -18.21 6.39 -3.31
N VAL A 663 -19.36 5.80 -3.69
CA VAL A 663 -20.10 4.94 -2.75
C VAL A 663 -19.18 3.90 -2.12
N LYS A 664 -18.45 3.16 -2.96
CA LYS A 664 -17.59 2.09 -2.46
C LYS A 664 -16.53 2.65 -1.51
N LEU A 665 -15.97 3.80 -1.85
CA LEU A 665 -14.88 4.38 -1.07
C LEU A 665 -15.39 4.91 0.26
N ARG A 666 -16.53 5.57 0.27
CA ARG A 666 -17.15 5.96 1.53
C ARG A 666 -17.27 4.77 2.47
N LYS A 667 -17.75 3.63 1.95
CA LYS A 667 -17.89 2.45 2.81
C LYS A 667 -16.53 2.00 3.34
N GLN A 668 -15.51 2.01 2.47
CA GLN A 668 -14.18 1.62 2.91
C GLN A 668 -13.63 2.55 3.99
N LEU A 669 -13.83 3.87 3.80
CA LEU A 669 -13.25 4.83 4.71
C LEU A 669 -13.95 4.76 6.07
N MET A 670 -15.26 4.58 6.04
CA MET A 670 -16.02 4.34 7.25
C MET A 670 -15.48 3.15 8.02
N TYR A 671 -15.23 2.04 7.31
CA TYR A 671 -14.63 0.90 7.99
C TYR A 671 -13.30 1.28 8.63
N ILE A 672 -12.48 2.06 7.92
CA ILE A 672 -11.16 2.40 8.47
C ILE A 672 -11.32 3.16 9.80
N ILE A 673 -12.23 4.13 9.82
CA ILE A 673 -12.42 4.93 11.03
C ILE A 673 -12.95 4.06 12.18
N LYS A 674 -14.01 3.29 11.91
CA LYS A 674 -14.59 2.44 12.95
C LYS A 674 -13.56 1.47 13.49
N SER A 675 -12.72 0.92 12.62
CA SER A 675 -11.67 0.02 13.07
C SER A 675 -10.65 0.73 13.95
N ASN A 676 -10.47 2.04 13.73
CA ASN A 676 -9.52 2.78 14.54
C ASN A 676 -10.08 3.16 15.91
N THR A 677 -11.39 3.35 16.04
CA THR A 677 -11.91 3.78 17.35
C THR A 677 -11.59 2.75 18.43
N SER A 678 -11.80 1.47 18.13
CA SER A 678 -11.52 0.41 19.09
C SER A 678 -10.04 0.09 19.14
N LYS A 679 -9.60 -0.50 20.25
CA LYS A 679 -8.24 -1.05 20.30
C LYS A 679 -8.18 -2.38 19.54
N GLU A 680 -9.15 -3.26 19.78
CA GLU A 680 -9.31 -4.48 19.02
C GLU A 680 -10.42 -4.28 18.00
N ASN A 681 -10.16 -4.67 16.76
CA ASN A 681 -11.09 -4.42 15.66
C ASN A 681 -12.29 -5.36 15.76
N ILE A 682 -13.47 -4.80 16.05
CA ILE A 682 -14.73 -5.52 15.94
C ILE A 682 -15.63 -4.70 15.01
N ALA A 683 -15.01 -3.92 14.13
CA ALA A 683 -15.80 -3.10 13.22
C ALA A 683 -16.64 -3.99 12.31
N VAL A 684 -17.86 -3.56 12.07
CA VAL A 684 -18.85 -4.33 11.34
C VAL A 684 -18.86 -3.88 9.88
N VAL A 685 -19.13 -4.83 8.98
CA VAL A 685 -19.37 -4.52 7.58
C VAL A 685 -20.41 -3.43 7.46
N ILE A 686 -20.13 -2.42 6.63
CA ILE A 686 -21.06 -1.33 6.39
C ILE A 686 -21.79 -1.59 5.08
N ARG A 687 -23.10 -1.35 5.07
CA ARG A 687 -23.96 -1.60 3.93
C ARG A 687 -24.43 -0.28 3.33
N ASN A 688 -24.83 -0.33 2.05
CA ASN A 688 -25.19 0.89 1.33
C ASN A 688 -26.19 1.74 2.11
N GLU A 689 -27.14 1.08 2.78
CA GLU A 689 -28.16 1.80 3.53
C GLU A 689 -27.60 2.63 4.68
N ASP A 690 -26.38 2.35 5.13
CA ASP A 690 -25.80 3.16 6.19
C ASP A 690 -25.32 4.51 5.68
N LEU A 691 -25.12 4.65 4.36
CA LEU A 691 -24.67 5.92 3.81
C LEU A 691 -25.77 6.98 3.70
N LYS A 692 -27.04 6.62 3.91
CA LYS A 692 -28.13 7.60 3.80
C LYS A 692 -27.89 8.76 4.75
N SER A 693 -27.70 9.94 4.18
CA SER A 693 -27.38 11.13 4.96
C SER A 693 -28.58 12.05 5.02
N ASP A 694 -28.72 12.73 6.15
CA ASP A 694 -29.54 13.92 6.20
C ASP A 694 -28.76 15.05 5.54
N ILE A 695 -29.48 16.01 4.98
CA ILE A 695 -28.78 17.15 4.41
C ILE A 695 -28.34 18.06 5.57
N PRO A 696 -27.13 18.58 5.54
CA PRO A 696 -26.58 19.27 6.72
C PRO A 696 -27.30 20.58 7.01
N SER A 697 -27.38 20.91 8.29
CA SER A 697 -27.96 22.19 8.67
C SER A 697 -26.97 23.31 8.38
N VAL A 698 -27.44 24.53 8.61
CA VAL A 698 -26.67 25.74 8.27
C VAL A 698 -25.40 25.84 9.13
N ILE A 699 -25.52 25.57 10.42
CA ILE A 699 -24.36 25.60 11.29
C ILE A 699 -23.46 24.39 11.01
N GLN A 700 -24.06 23.23 10.72
CA GLN A 700 -23.26 22.09 10.30
C GLN A 700 -22.39 22.47 9.11
N ILE A 701 -22.92 23.28 8.21
CA ILE A 701 -22.20 23.69 7.00
C ILE A 701 -21.02 24.60 7.35
N LYS A 702 -21.27 25.65 8.15
CA LYS A 702 -20.17 26.50 8.61
C LYS A 702 -19.07 25.67 9.28
N LEU A 703 -19.46 24.67 10.08
CA LEU A 703 -18.46 23.85 10.76
C LEU A 703 -17.67 23.01 9.76
N LEU A 704 -18.35 22.38 8.80
CA LEU A 704 -17.67 21.63 7.76
C LEU A 704 -16.63 22.50 7.07
N LYS A 705 -16.97 23.77 6.84
CA LYS A 705 -16.02 24.70 6.24
C LYS A 705 -14.78 24.87 7.11
N GLN A 706 -14.97 24.91 8.43
CA GLN A 706 -13.79 25.02 9.30
C GLN A 706 -12.94 23.74 9.28
N MET A 707 -13.58 22.57 9.27
CA MET A 707 -12.85 21.31 9.18
C MET A 707 -12.03 21.23 7.88
N ILE A 708 -12.68 21.49 6.74
CA ILE A 708 -11.97 21.50 5.47
C ILE A 708 -10.80 22.48 5.52
N CYS A 709 -11.04 23.70 6.05
CA CYS A 709 -9.96 24.67 6.17
C CYS A 709 -8.80 24.12 6.99
N ALA A 710 -9.08 23.35 8.03
CA ALA A 710 -8.00 22.72 8.78
C ALA A 710 -7.14 21.84 7.88
N GLY A 711 -7.78 21.11 6.97
CA GLY A 711 -6.96 20.35 6.03
C GLY A 711 -6.20 21.18 4.99
N PHE A 712 -6.65 22.42 4.73
CA PHE A 712 -6.05 23.23 3.67
C PHE A 712 -5.75 24.65 4.15
N VAL A 713 -5.17 24.79 5.36
CA VAL A 713 -4.94 26.11 5.95
C VAL A 713 -3.97 26.94 5.13
N ASP A 714 -3.02 26.28 4.44
CA ASP A 714 -2.01 26.97 3.64
C ASP A 714 -2.50 27.33 2.26
N HIS A 715 -3.78 27.11 1.97
CA HIS A 715 -4.32 27.34 0.64
C HIS A 715 -5.43 28.37 0.65
N VAL A 716 -5.24 29.51 1.28
CA VAL A 716 -6.29 30.51 1.27
C VAL A 716 -5.89 31.63 0.32
N ALA A 717 -6.87 32.12 -0.41
CA ALA A 717 -6.70 33.15 -1.42
C ALA A 717 -7.62 34.31 -1.07
N VAL A 718 -7.04 35.51 -0.96
CA VAL A 718 -7.78 36.72 -0.64
C VAL A 718 -7.96 37.52 -1.92
N ARG A 719 -9.17 38.04 -2.14
CA ARG A 719 -9.39 38.93 -3.27
C ARG A 719 -8.38 40.06 -3.26
N ALA A 720 -7.75 40.28 -4.41
CA ALA A 720 -6.65 41.25 -4.47
C ALA A 720 -7.12 42.64 -4.07
N ASP A 721 -8.40 42.98 -4.34
CA ASP A 721 -9.04 44.25 -3.98
C ASP A 721 -9.19 44.44 -2.48
N VAL A 722 -8.68 43.56 -1.62
CA VAL A 722 -8.86 43.67 -0.18
C VAL A 722 -7.53 44.03 0.43
N LEU A 723 -6.58 43.11 0.27
CA LEU A 723 -5.19 43.39 0.57
C LEU A 723 -4.80 44.74 -0.01
N PHE A 724 -5.03 44.94 -1.30
CA PHE A 724 -4.70 46.19 -2.00
C PHE A 724 -5.91 46.78 -2.69
N PRO A 725 -6.65 47.66 -2.03
CA PRO A 725 -7.71 48.40 -2.73
C PRO A 725 -7.18 49.68 -3.33
N ASP A 726 -7.71 50.03 -4.51
CA ASP A 726 -7.44 51.29 -5.21
C ASP A 726 -6.03 51.34 -5.81
N ASP A 727 -5.20 50.36 -5.52
CA ASP A 727 -3.92 50.24 -6.18
C ASP A 727 -3.95 49.30 -7.37
N ALA A 728 -5.05 48.60 -7.58
CA ALA A 728 -5.16 47.69 -8.70
C ALA A 728 -6.55 47.82 -9.32
N LYS A 729 -6.61 47.49 -10.61
CA LYS A 729 -7.79 47.65 -11.46
C LYS A 729 -8.94 46.80 -10.93
N ILE A 730 -10.18 47.28 -11.09
CA ILE A 730 -11.38 46.44 -11.01
C ILE A 730 -12.56 47.35 -11.33
N THR A 731 -13.63 46.77 -11.91
CA THR A 731 -14.80 47.57 -12.23
C THR A 731 -16.10 46.90 -11.78
N ASN A 732 -17.18 47.68 -11.89
CA ASN A 732 -18.50 47.31 -11.38
C ASN A 732 -19.02 46.01 -11.99
N ARG A 733 -18.75 45.78 -13.28
CA ARG A 733 -19.37 44.70 -14.02
C ARG A 733 -18.31 43.68 -14.51
N THR A 734 -17.14 43.63 -13.86
CA THR A 734 -16.15 42.58 -14.11
C THR A 734 -16.79 41.19 -13.99
N SER A 735 -16.49 40.34 -14.98
CA SER A 735 -16.90 38.95 -14.87
C SER A 735 -16.34 38.38 -13.58
N ILE A 736 -17.13 37.49 -12.96
CA ILE A 736 -16.64 36.82 -11.76
C ILE A 736 -15.32 36.11 -12.04
N ILE A 737 -15.17 35.50 -13.22
CA ILE A 737 -13.97 34.74 -13.55
C ILE A 737 -12.79 35.66 -13.81
N ASN A 738 -13.03 36.97 -13.83
CA ASN A 738 -11.97 37.94 -14.02
C ASN A 738 -11.55 38.61 -12.72
N ILE A 739 -12.15 38.24 -11.60
CA ILE A 739 -11.88 38.91 -10.34
C ILE A 739 -10.61 38.31 -9.75
N PRO A 740 -9.58 39.11 -9.53
CA PRO A 740 -8.28 38.56 -9.15
C PRO A 740 -8.23 38.19 -7.68
N TYR A 741 -7.62 37.03 -7.41
CA TYR A 741 -7.32 36.58 -6.07
C TYR A 741 -5.81 36.40 -5.92
N ILE A 742 -5.35 36.40 -4.69
CA ILE A 742 -3.93 36.21 -4.38
C ILE A 742 -3.83 35.23 -3.22
N PRO A 743 -3.14 34.09 -3.40
CA PRO A 743 -2.92 33.18 -2.26
C PRO A 743 -2.03 33.86 -1.23
N VAL A 744 -2.43 33.79 0.04
CA VAL A 744 -1.77 34.58 1.07
C VAL A 744 -0.31 34.16 1.21
N LEU A 745 -0.03 32.86 1.06
CA LEU A 745 1.31 32.35 1.23
C LEU A 745 2.13 32.44 -0.05
N ALA A 746 1.59 33.06 -1.09
CA ALA A 746 2.28 33.14 -2.36
C ALA A 746 3.50 34.04 -2.28
N THR A 747 4.42 33.83 -3.23
CA THR A 747 5.67 34.56 -3.34
C THR A 747 5.44 35.79 -4.23
N ARG A 748 5.35 36.97 -3.61
CA ARG A 748 5.22 38.20 -4.37
C ARG A 748 6.48 38.44 -5.19
N THR A 749 6.29 38.71 -6.47
CA THR A 749 7.34 38.89 -7.46
C THR A 749 7.61 40.38 -7.69
N PRO A 750 8.72 40.73 -8.33
CA PRO A 750 8.98 42.17 -8.57
C PRO A 750 7.85 42.86 -9.32
N ASN A 751 7.39 42.23 -10.39
CA ASN A 751 6.12 42.59 -11.01
C ASN A 751 5.06 41.69 -10.39
N ILE A 752 4.10 42.32 -9.67
CA ILE A 752 3.23 41.58 -8.77
C ILE A 752 2.38 40.58 -9.53
N GLU A 753 1.70 41.03 -10.58
CA GLU A 753 0.52 40.32 -11.08
C GLU A 753 0.85 38.97 -11.72
N ASP A 754 2.11 38.65 -11.92
CA ASP A 754 2.46 37.27 -12.29
C ASP A 754 1.98 36.25 -11.25
N CYS A 755 1.44 36.69 -10.11
CA CYS A 755 1.11 35.78 -9.02
C CYS A 755 -0.38 35.80 -8.65
N PHE A 756 -1.27 36.22 -9.55
CA PHE A 756 -2.67 36.16 -9.17
C PHE A 756 -3.34 34.90 -9.75
N VAL A 757 -4.45 34.52 -9.13
CA VAL A 757 -5.23 33.35 -9.51
C VAL A 757 -6.70 33.74 -9.56
N TYR A 758 -7.49 32.92 -10.24
CA TYR A 758 -8.84 33.31 -10.64
C TYR A 758 -9.81 32.17 -10.44
N ILE A 759 -11.09 32.54 -10.32
CA ILE A 759 -12.17 31.58 -10.19
C ILE A 759 -12.44 30.92 -11.53
N HIS A 760 -12.62 29.60 -11.51
CA HIS A 760 -12.88 28.79 -12.69
C HIS A 760 -14.30 29.03 -13.20
N PRO A 761 -14.50 29.01 -14.53
CA PRO A 761 -15.83 29.31 -15.08
C PRO A 761 -16.88 28.25 -14.79
N THR A 762 -16.48 27.04 -14.39
CA THR A 762 -17.43 25.99 -14.05
C THR A 762 -17.89 26.04 -12.60
N SER A 763 -17.26 26.84 -11.76
CA SER A 763 -17.56 26.85 -10.32
C SER A 763 -18.97 27.37 -10.05
N ILE A 764 -19.44 27.08 -8.83
CA ILE A 764 -20.73 27.63 -8.37
C ILE A 764 -20.67 29.14 -8.30
N LEU A 765 -19.49 29.69 -8.03
CA LEU A 765 -19.34 31.12 -7.83
C LEU A 765 -19.79 31.92 -9.04
N ASN A 766 -19.68 31.33 -10.24
CA ASN A 766 -20.02 32.06 -11.45
C ASN A 766 -21.50 32.44 -11.51
N ASN A 767 -22.37 31.77 -10.75
CA ASN A 767 -23.80 32.10 -10.73
C ASN A 767 -24.16 33.12 -9.65
N LEU A 768 -23.19 33.88 -9.15
CA LEU A 768 -23.48 34.78 -8.03
C LEU A 768 -24.10 36.10 -8.52
N GLY A 769 -23.32 36.92 -9.20
CA GLY A 769 -23.77 38.29 -9.50
C GLY A 769 -23.49 39.25 -8.36
N GLU A 770 -23.91 38.87 -7.16
CA GLU A 770 -23.28 39.34 -5.93
C GLU A 770 -21.76 39.18 -6.05
N MET A 771 -21.02 40.00 -5.32
CA MET A 771 -19.58 39.96 -5.44
C MET A 771 -19.03 38.69 -4.78
N PRO A 772 -17.99 38.08 -5.35
CA PRO A 772 -17.49 36.80 -4.78
C PRO A 772 -16.87 37.00 -3.41
N PRO A 773 -16.72 35.91 -2.64
CA PRO A 773 -16.20 36.03 -1.28
C PRO A 773 -14.82 36.65 -1.23
N LYS A 774 -14.48 37.15 -0.05
CA LYS A 774 -13.20 37.78 0.23
C LYS A 774 -12.09 36.77 0.51
N TYR A 775 -12.40 35.66 1.18
CA TYR A 775 -11.41 34.61 1.46
C TYR A 775 -11.93 33.28 0.92
N MET A 776 -11.23 32.72 -0.05
CA MET A 776 -11.60 31.44 -0.61
C MET A 776 -10.53 30.39 -0.27
N LEU A 777 -11.00 29.17 -0.03
CA LEU A 777 -10.19 27.99 0.20
C LEU A 777 -10.18 27.16 -1.08
N TYR A 778 -8.97 26.85 -1.56
CA TYR A 778 -8.75 26.12 -2.81
C TYR A 778 -8.05 24.78 -2.57
N TYR A 779 -8.47 23.76 -3.33
CA TYR A 779 -7.79 22.47 -3.29
C TYR A 779 -6.40 22.58 -3.90
N SER A 780 -6.30 23.23 -5.06
CA SER A 780 -5.07 23.39 -5.81
C SER A 780 -5.26 24.48 -6.86
N LEU A 781 -4.17 24.81 -7.54
CA LEU A 781 -4.14 25.78 -8.61
C LEU A 781 -3.70 25.07 -9.89
N HIS A 782 -4.10 25.62 -11.03
CA HIS A 782 -3.86 24.95 -12.31
C HIS A 782 -3.42 25.96 -13.35
N LEU A 783 -2.36 25.63 -14.08
CA LEU A 783 -1.70 26.52 -15.02
C LEU A 783 -1.84 26.10 -16.48
N GLY A 784 -1.83 24.79 -16.77
CA GLY A 784 -2.25 24.32 -18.07
C GLY A 784 -3.63 24.91 -18.34
N GLY A 785 -3.91 25.29 -19.58
CA GLY A 785 -5.07 26.15 -19.81
C GLY A 785 -4.64 27.57 -19.53
N ASN A 786 -4.09 28.19 -20.57
CA ASN A 786 -3.08 29.23 -20.43
C ASN A 786 -3.63 30.64 -20.27
N ASN A 787 -4.94 30.82 -20.22
CA ASN A 787 -5.40 32.18 -19.99
C ASN A 787 -4.74 32.74 -18.73
N LYS A 788 -5.14 32.24 -17.56
CA LYS A 788 -4.57 32.62 -16.28
C LYS A 788 -4.57 31.38 -15.38
N THR A 789 -3.73 31.39 -14.36
CA THR A 789 -3.83 30.36 -13.34
C THR A 789 -5.20 30.36 -12.71
N ARG A 790 -5.86 29.21 -12.72
CA ARG A 790 -7.20 29.08 -12.15
C ARG A 790 -7.19 28.32 -10.83
N MET A 791 -8.19 28.61 -10.01
CA MET A 791 -8.38 28.00 -8.70
C MET A 791 -9.34 26.83 -8.80
N ASN A 792 -9.00 25.72 -8.13
CA ASN A 792 -9.94 24.61 -7.93
C ASN A 792 -10.54 24.81 -6.54
N THR A 793 -11.71 25.43 -6.49
CA THR A 793 -12.21 25.99 -5.24
C THR A 793 -12.89 24.94 -4.38
N LEU A 794 -12.78 25.14 -3.08
CA LEU A 794 -13.47 24.33 -2.08
C LEU A 794 -14.59 25.12 -1.42
N CYS A 795 -14.28 26.21 -0.76
CA CYS A 795 -15.34 26.91 -0.03
C CYS A 795 -14.83 28.29 0.34
N ASP A 796 -15.71 29.11 0.88
CA ASP A 796 -15.27 30.40 1.41
C ASP A 796 -14.91 30.23 2.87
N ILE A 797 -14.07 31.12 3.37
CA ILE A 797 -13.80 31.24 4.80
C ILE A 797 -14.38 32.57 5.27
N ALA A 798 -15.04 32.57 6.42
CA ALA A 798 -15.61 33.79 6.97
C ALA A 798 -14.51 34.69 7.53
#